data_1OX9
#
_entry.id   1OX9
#
_cell.length_a   81.513
_cell.length_b   81.524
_cell.length_c   131.773
_cell.angle_alpha   90.00
_cell.angle_beta   92.83
_cell.angle_gamma   90.00
#
_symmetry.space_group_name_H-M   'P 1 21 1'
#
loop_
_entity.id
_entity.type
_entity.pdbx_description
1 polymer 'Stringent starvation protein B'
2 polymer ssrA
#
loop_
_entity_poly.entity_id
_entity_poly.type
_entity_poly.pdbx_seq_one_letter_code
_entity_poly.pdbx_strand_id
1 'polypeptide(L)'
;SQLTPRRPYLLRAFYEWLLDNQLTPHLVVDVTLPGVQVPMEYARDGQIVLNIAPRAVGNLELANDEVRFNARFGGIPRQV
SVPLAAVLAIYARENGAGTMFEPEAAYD
;
A,B,C,D,E,F,G,H
2 'polypeptide(L)' AANDENYA I,J,K,L,M,N,O,P
#
# COMPACT_ATOMS: atom_id res chain seq x y z
N SER A 1 32.01 -24.74 6.87
CA SER A 1 31.19 -25.93 7.24
C SER A 1 32.05 -27.13 7.64
N GLN A 2 32.62 -27.06 8.85
CA GLN A 2 33.45 -28.14 9.39
C GLN A 2 32.88 -28.62 10.73
N LEU A 3 31.56 -28.76 10.76
CA LEU A 3 30.82 -29.23 11.92
C LEU A 3 30.65 -30.73 11.73
N THR A 4 30.30 -31.47 12.79
CA THR A 4 30.14 -32.92 12.73
C THR A 4 29.21 -33.39 11.59
N PRO A 5 29.35 -34.65 11.17
CA PRO A 5 28.53 -35.21 10.08
C PRO A 5 27.05 -35.41 10.47
N ARG A 6 26.17 -35.49 9.47
CA ARG A 6 24.74 -35.66 9.71
C ARG A 6 24.31 -37.13 9.74
N ARG A 7 25.03 -37.98 9.03
CA ARG A 7 24.70 -39.40 8.94
C ARG A 7 24.19 -40.11 10.20
N PRO A 8 24.96 -40.03 11.30
CA PRO A 8 24.48 -40.70 12.52
C PRO A 8 23.08 -40.26 12.94
N TYR A 9 22.74 -39.00 12.69
CA TYR A 9 21.43 -38.45 13.02
C TYR A 9 20.37 -38.89 12.02
N LEU A 10 20.72 -38.82 10.74
CA LEU A 10 19.79 -39.23 9.69
C LEU A 10 19.49 -40.71 9.83
N LEU A 11 20.48 -41.46 10.33
CA LEU A 11 20.32 -42.90 10.53
C LEU A 11 19.32 -43.21 11.63
N ARG A 12 19.40 -42.48 12.74
CA ARG A 12 18.47 -42.73 13.82
C ARG A 12 17.09 -42.24 13.42
N ALA A 13 17.06 -41.23 12.56
CA ALA A 13 15.80 -40.67 12.10
C ALA A 13 15.02 -41.74 11.33
N PHE A 14 15.62 -42.25 10.25
CA PHE A 14 14.96 -43.28 9.45
C PHE A 14 14.71 -44.55 10.23
N TYR A 15 15.55 -44.83 11.23
CA TYR A 15 15.39 -46.04 12.02
C TYR A 15 14.07 -46.04 12.77
N GLU A 16 13.62 -44.85 13.16
CA GLU A 16 12.37 -44.70 13.90
C GLU A 16 11.20 -44.61 12.93
N TRP A 17 11.40 -43.82 11.89
CA TRP A 17 10.40 -43.62 10.87
C TRP A 17 9.95 -44.96 10.29
N LEU A 18 10.89 -45.89 10.11
CA LEU A 18 10.54 -47.20 9.58
C LEU A 18 9.90 -48.03 10.68
N LEU A 19 10.52 -48.02 11.87
CA LEU A 19 9.98 -48.79 12.97
C LEU A 19 8.57 -48.37 13.30
N ASP A 20 8.19 -47.19 12.82
CA ASP A 20 6.85 -46.64 13.08
C ASP A 20 5.83 -46.94 11.99
N ASN A 21 6.31 -47.01 10.75
CA ASN A 21 5.44 -47.33 9.63
C ASN A 21 5.32 -48.85 9.52
N GLN A 22 5.69 -49.48 10.62
CA GLN A 22 5.67 -50.93 10.79
C GLN A 22 6.51 -51.64 9.75
N LEU A 23 7.73 -51.14 9.56
CA LEU A 23 8.67 -51.73 8.60
C LEU A 23 9.94 -52.28 9.29
N THR A 24 10.66 -53.12 8.57
CA THR A 24 11.88 -53.76 9.11
C THR A 24 13.18 -53.13 8.61
N PRO A 25 13.89 -52.43 9.51
CA PRO A 25 15.15 -51.77 9.15
C PRO A 25 16.31 -52.73 8.89
N HIS A 26 17.02 -52.47 7.79
CA HIS A 26 18.19 -53.24 7.39
C HIS A 26 19.31 -52.27 7.10
N LEU A 27 20.54 -52.61 7.51
CA LEU A 27 21.69 -51.74 7.24
C LEU A 27 22.61 -52.30 6.14
N VAL A 28 23.22 -51.42 5.36
CA VAL A 28 24.16 -51.86 4.32
C VAL A 28 25.51 -51.28 4.69
N VAL A 29 26.40 -52.15 5.14
CA VAL A 29 27.72 -51.75 5.58
C VAL A 29 28.83 -52.20 4.67
N ASP A 30 29.85 -51.34 4.49
CA ASP A 30 31.01 -51.68 3.66
C ASP A 30 32.08 -52.33 4.55
N VAL A 31 32.22 -53.64 4.46
CA VAL A 31 33.17 -54.38 5.26
C VAL A 31 34.63 -54.00 5.01
N THR A 32 34.88 -53.40 3.86
CA THR A 32 36.22 -53.00 3.49
C THR A 32 36.92 -52.05 4.46
N LEU A 33 36.23 -50.98 4.84
CA LEU A 33 36.79 -49.99 5.77
C LEU A 33 37.42 -50.55 7.04
N PRO A 34 38.38 -49.81 7.61
CA PRO A 34 39.03 -50.27 8.84
C PRO A 34 38.15 -49.90 10.02
N GLY A 35 38.04 -50.84 10.96
CA GLY A 35 37.25 -50.59 12.14
C GLY A 35 36.03 -51.49 12.19
N VAL A 36 35.76 -52.15 11.08
CA VAL A 36 34.59 -52.99 11.05
C VAL A 36 34.77 -54.38 11.64
N GLN A 37 33.92 -54.68 12.61
CA GLN A 37 33.96 -55.98 13.25
C GLN A 37 32.64 -56.73 12.99
N VAL A 38 32.64 -57.60 11.98
CA VAL A 38 31.45 -58.39 11.64
C VAL A 38 31.91 -59.74 11.13
N PRO A 39 31.02 -60.75 11.16
CA PRO A 39 31.35 -62.10 10.66
C PRO A 39 31.65 -62.15 9.17
N MET A 40 32.69 -61.44 8.76
CA MET A 40 33.15 -61.32 7.38
C MET A 40 32.67 -62.35 6.34
N GLU A 41 32.61 -63.62 6.74
CA GLU A 41 32.21 -64.68 5.82
C GLU A 41 30.74 -64.58 5.41
N TYR A 42 30.19 -63.37 5.46
CA TYR A 42 28.81 -63.12 5.09
C TYR A 42 28.73 -61.93 4.15
N ALA A 43 29.84 -61.21 4.05
CA ALA A 43 29.93 -60.05 3.20
C ALA A 43 30.00 -60.50 1.76
N ARG A 44 28.98 -60.16 1.00
CA ARG A 44 28.89 -60.50 -0.41
C ARG A 44 29.32 -59.26 -1.20
N ASP A 45 30.40 -59.41 -1.94
CA ASP A 45 30.95 -58.34 -2.77
C ASP A 45 31.29 -57.02 -2.05
N GLY A 46 31.95 -57.16 -0.90
CA GLY A 46 32.37 -55.98 -0.14
C GLY A 46 31.38 -55.31 0.79
N GLN A 47 30.15 -55.78 0.76
CA GLN A 47 29.11 -55.19 1.58
C GLN A 47 28.42 -56.28 2.40
N ILE A 48 27.91 -55.92 3.56
CA ILE A 48 27.20 -56.89 4.37
C ILE A 48 25.83 -56.31 4.77
N VAL A 49 24.81 -57.15 4.82
CA VAL A 49 23.47 -56.70 5.17
C VAL A 49 23.01 -57.16 6.51
N LEU A 50 22.83 -56.21 7.41
CA LEU A 50 22.39 -56.52 8.74
C LEU A 50 20.97 -56.01 9.05
N ASN A 51 20.21 -56.90 9.69
CA ASN A 51 18.86 -56.58 10.10
C ASN A 51 18.99 -56.04 11.52
N ILE A 52 18.84 -54.73 11.67
CA ILE A 52 18.95 -54.11 12.97
C ILE A 52 17.60 -53.82 13.64
N ALA A 53 16.56 -54.55 13.26
CA ALA A 53 15.28 -54.30 13.89
C ALA A 53 15.16 -55.09 15.20
N PRO A 54 14.40 -54.55 16.16
CA PRO A 54 14.13 -55.09 17.49
C PRO A 54 14.32 -56.57 17.77
N ARG A 55 13.50 -57.43 17.18
CA ARG A 55 13.57 -58.87 17.44
C ARG A 55 14.80 -59.66 16.95
N ALA A 56 15.68 -59.00 16.21
CA ALA A 56 16.87 -59.67 15.70
C ALA A 56 18.15 -59.18 16.36
N VAL A 57 18.00 -58.15 17.19
CA VAL A 57 19.15 -57.55 17.82
C VAL A 57 18.98 -57.30 19.32
N GLY A 58 20.12 -57.41 20.01
CA GLY A 58 20.19 -57.18 21.44
C GLY A 58 21.12 -56.01 21.70
N ASN A 59 20.71 -55.11 22.59
CA ASN A 59 21.48 -53.91 22.96
C ASN A 59 21.98 -53.09 21.76
N LEU A 60 21.08 -52.76 20.84
CA LEU A 60 21.48 -51.99 19.67
C LEU A 60 21.84 -50.57 20.07
N GLU A 61 23.11 -50.24 19.93
CA GLU A 61 23.60 -48.92 20.27
C GLU A 61 23.82 -48.12 18.96
N LEU A 62 22.87 -47.27 18.58
CA LEU A 62 23.02 -46.47 17.36
C LEU A 62 23.68 -45.13 17.66
N ALA A 63 24.99 -45.20 17.92
CA ALA A 63 25.79 -44.04 18.25
C ALA A 63 26.31 -43.24 17.07
N ASN A 64 26.87 -42.08 17.36
CA ASN A 64 27.36 -41.22 16.32
C ASN A 64 28.58 -41.71 15.60
N ASP A 65 29.50 -42.32 16.35
CA ASP A 65 30.72 -42.82 15.72
C ASP A 65 30.56 -44.19 15.09
N GLU A 66 29.91 -45.12 15.79
CA GLU A 66 29.70 -46.46 15.24
C GLU A 66 28.47 -47.14 15.80
N VAL A 67 27.95 -48.11 15.05
CA VAL A 67 26.77 -48.88 15.46
C VAL A 67 27.22 -50.19 16.12
N ARG A 68 26.60 -50.52 17.26
CA ARG A 68 26.95 -51.73 17.99
C ARG A 68 25.75 -52.49 18.51
N PHE A 69 25.89 -53.80 18.52
CA PHE A 69 24.83 -54.67 18.98
C PHE A 69 25.24 -56.14 18.92
N ASN A 70 24.36 -57.01 19.40
CA ASN A 70 24.56 -58.44 19.42
C ASN A 70 23.47 -59.08 18.58
N ALA A 71 23.87 -59.86 17.58
CA ALA A 71 22.90 -60.51 16.72
C ALA A 71 23.40 -61.91 16.55
N ARG A 72 22.50 -62.82 16.22
CA ARG A 72 22.86 -64.22 16.01
C ARG A 72 23.18 -64.46 14.55
N PHE A 73 24.19 -65.27 14.30
CA PHE A 73 24.62 -65.60 12.95
C PHE A 73 24.77 -67.10 12.85
N GLY A 74 23.94 -67.72 12.03
CA GLY A 74 24.02 -69.15 11.90
C GLY A 74 23.64 -69.82 13.20
N GLY A 75 22.99 -69.07 14.08
CA GLY A 75 22.57 -69.65 15.35
C GLY A 75 23.35 -69.21 16.57
N ILE A 76 24.61 -68.80 16.37
CA ILE A 76 25.43 -68.36 17.49
C ILE A 76 25.47 -66.85 17.52
N PRO A 77 25.21 -66.23 18.70
CA PRO A 77 25.23 -64.77 18.84
C PRO A 77 26.68 -64.29 18.83
N ARG A 78 26.93 -63.18 18.16
CA ARG A 78 28.27 -62.62 18.10
C ARG A 78 28.14 -61.10 18.29
N GLN A 79 29.26 -60.43 18.57
CA GLN A 79 29.26 -58.99 18.73
C GLN A 79 29.52 -58.29 17.40
N VAL A 80 28.84 -57.16 17.23
CA VAL A 80 28.99 -56.38 16.02
C VAL A 80 29.37 -54.95 16.36
N SER A 81 30.20 -54.38 15.50
CA SER A 81 30.64 -53.03 15.69
C SER A 81 30.93 -52.51 14.28
N VAL A 82 30.23 -51.44 13.91
CA VAL A 82 30.38 -50.87 12.58
C VAL A 82 30.61 -49.36 12.53
N PRO A 83 31.86 -48.96 12.31
CA PRO A 83 32.16 -47.51 12.25
C PRO A 83 31.19 -46.80 11.31
N LEU A 84 30.48 -45.81 11.83
CA LEU A 84 29.51 -45.05 11.07
C LEU A 84 29.90 -44.79 9.61
N ALA A 85 31.16 -44.48 9.34
CA ALA A 85 31.60 -44.22 7.98
C ALA A 85 31.64 -45.49 7.11
N ALA A 86 31.34 -46.63 7.72
CA ALA A 86 31.35 -47.87 6.97
C ALA A 86 29.92 -48.15 6.54
N VAL A 87 29.00 -47.34 7.04
CA VAL A 87 27.60 -47.49 6.72
C VAL A 87 27.23 -46.96 5.35
N LEU A 88 26.51 -47.77 4.58
CA LEU A 88 26.12 -47.34 3.26
C LEU A 88 24.67 -46.84 3.19
N ALA A 89 23.75 -47.54 3.85
CA ALA A 89 22.36 -47.11 3.82
C ALA A 89 21.45 -47.85 4.78
N ILE A 90 20.19 -47.44 4.79
CA ILE A 90 19.19 -48.04 5.64
C ILE A 90 17.90 -48.10 4.84
N TYR A 91 17.18 -49.20 4.97
CA TYR A 91 15.94 -49.35 4.24
C TYR A 91 15.08 -50.44 4.83
N ALA A 92 13.79 -50.37 4.54
CA ALA A 92 12.80 -51.35 4.99
C ALA A 92 12.86 -52.52 4.01
N ARG A 93 13.01 -53.73 4.54
CA ARG A 93 13.10 -54.91 3.68
C ARG A 93 11.84 -55.10 2.81
N GLU A 94 10.67 -55.03 3.42
CA GLU A 94 9.44 -55.21 2.65
C GLU A 94 9.14 -54.22 1.52
N ASN A 95 9.67 -53.01 1.53
CA ASN A 95 9.39 -52.11 0.41
C ASN A 95 10.55 -51.26 -0.08
N GLY A 96 11.76 -51.53 0.43
CA GLY A 96 12.94 -50.80 0.03
C GLY A 96 12.92 -49.30 0.31
N ALA A 97 12.14 -48.90 1.31
CA ALA A 97 12.04 -47.49 1.68
C ALA A 97 13.25 -47.19 2.52
N GLY A 98 13.75 -45.98 2.41
CA GLY A 98 14.92 -45.58 3.18
C GLY A 98 15.82 -44.59 2.47
N THR A 99 17.13 -44.79 2.59
CA THR A 99 18.09 -43.87 2.00
C THR A 99 19.49 -44.43 1.83
N MET A 100 20.19 -43.89 0.83
CA MET A 100 21.57 -44.26 0.56
C MET A 100 22.36 -43.09 1.14
N PHE A 101 23.02 -43.31 2.27
CA PHE A 101 23.77 -42.24 2.91
C PHE A 101 24.82 -41.62 2.01
N GLU A 102 24.99 -40.32 2.17
CA GLU A 102 25.94 -39.57 1.36
C GLU A 102 27.29 -39.37 1.99
N PRO A 103 28.28 -39.04 1.16
CA PRO A 103 29.66 -38.81 1.62
C PRO A 103 29.75 -37.51 2.42
N GLU A 104 30.62 -37.51 3.41
CA GLU A 104 30.80 -36.34 4.26
C GLU A 104 32.29 -36.26 4.62
N ALA A 105 32.86 -35.08 4.41
CA ALA A 105 34.27 -34.81 4.67
C ALA A 105 34.78 -35.48 5.94
N ALA A 106 33.98 -35.43 7.00
CA ALA A 106 34.37 -36.03 8.27
C ALA A 106 34.85 -37.47 8.08
N TYR A 107 34.01 -38.26 7.41
CA TYR A 107 34.28 -39.67 7.14
C TYR A 107 35.26 -39.88 5.99
N ASP A 108 36.20 -38.95 5.84
CA ASP A 108 37.17 -39.03 4.76
C ASP A 108 36.47 -38.77 3.44
N ALA B 1 18.78 -61.25 5.54
CA ALA B 1 20.03 -60.57 5.96
C ALA B 1 21.07 -61.58 6.43
N ALA B 2 22.25 -61.09 6.78
CA ALA B 2 23.33 -61.95 7.23
C ALA B 2 23.03 -62.54 8.58
N ASN B 3 22.39 -61.77 9.44
CA ASN B 3 22.06 -62.26 10.78
C ASN B 3 20.66 -62.86 10.80
N ASP B 4 20.36 -63.67 11.81
CA ASP B 4 19.04 -64.32 11.92
C ASP B 4 17.90 -63.35 12.27
N GLU B 5 16.66 -63.77 12.04
CA GLU B 5 15.51 -62.94 12.34
C GLU B 5 15.22 -62.71 13.82
N ASN B 6 15.64 -63.63 14.68
CA ASN B 6 15.38 -63.49 16.11
C ASN B 6 16.61 -63.70 16.98
N TYR B 7 16.86 -62.73 17.86
CA TYR B 7 17.96 -62.78 18.80
C TYR B 7 17.36 -63.28 20.12
N ALA B 8 16.29 -64.07 20.02
CA ALA B 8 15.61 -64.62 21.19
C ALA B 8 16.45 -65.72 21.85
N SER C 1 0.41 -49.44 1.32
CA SER C 1 0.16 -48.09 0.72
C SER C 1 1.26 -47.09 1.08
N GLN C 2 1.03 -45.81 0.79
CA GLN C 2 2.01 -44.76 1.12
C GLN C 2 2.16 -44.65 2.64
N LEU C 3 3.39 -44.47 3.08
CA LEU C 3 3.74 -44.37 4.49
C LEU C 3 3.42 -43.01 5.08
N THR C 4 3.56 -42.87 6.39
CA THR C 4 3.32 -41.59 7.02
C THR C 4 4.47 -40.66 6.62
N PRO C 5 4.26 -39.33 6.72
CA PRO C 5 5.27 -38.33 6.37
C PRO C 5 6.63 -38.41 7.11
N ARG C 6 7.69 -38.02 6.42
CA ARG C 6 9.03 -38.08 7.00
C ARG C 6 9.50 -36.85 7.77
N ARG C 7 9.04 -35.69 7.31
CA ARG C 7 9.42 -34.42 7.89
C ARG C 7 9.73 -34.36 9.37
N PRO C 8 8.80 -34.83 10.23
CA PRO C 8 8.95 -34.84 11.69
C PRO C 8 10.19 -35.57 12.25
N TYR C 9 10.57 -36.66 11.60
CA TYR C 9 11.74 -37.40 12.07
C TYR C 9 12.97 -36.63 11.67
N LEU C 10 12.99 -36.17 10.43
CA LEU C 10 14.10 -35.41 9.93
C LEU C 10 14.21 -34.11 10.71
N LEU C 11 13.07 -33.58 11.12
CA LEU C 11 13.08 -32.33 11.86
C LEU C 11 13.82 -32.58 13.16
N ARG C 12 13.29 -33.48 13.98
CA ARG C 12 13.93 -33.78 15.22
C ARG C 12 15.42 -34.11 15.02
N ALA C 13 15.74 -34.81 13.93
CA ALA C 13 17.12 -35.17 13.62
C ALA C 13 17.99 -33.94 13.54
N PHE C 14 17.72 -33.08 12.57
CA PHE C 14 18.49 -31.86 12.44
C PHE C 14 18.54 -31.11 13.77
N TYR C 15 17.43 -31.08 14.50
CA TYR C 15 17.37 -30.39 15.77
C TYR C 15 18.48 -30.81 16.73
N GLU C 16 18.57 -32.12 16.97
CA GLU C 16 19.57 -32.68 17.87
C GLU C 16 21.01 -32.44 17.40
N TRP C 17 21.19 -32.43 16.09
CA TRP C 17 22.50 -32.23 15.51
C TRP C 17 22.97 -30.78 15.59
N LEU C 18 22.07 -29.83 15.37
CA LEU C 18 22.44 -28.42 15.44
C LEU C 18 22.83 -28.08 16.87
N LEU C 19 22.33 -28.84 17.83
CA LEU C 19 22.67 -28.58 19.22
C LEU C 19 23.91 -29.35 19.65
N ASP C 20 24.35 -30.31 18.86
CA ASP C 20 25.56 -31.04 19.22
C ASP C 20 26.71 -30.32 18.57
N ASN C 21 26.39 -29.17 17.97
CA ASN C 21 27.36 -28.33 17.29
C ASN C 21 27.23 -26.92 17.82
N GLN C 22 26.64 -26.80 19.02
CA GLN C 22 26.43 -25.53 19.70
C GLN C 22 25.41 -24.60 19.03
N LEU C 23 25.36 -24.66 17.70
CA LEU C 23 24.46 -23.86 16.89
C LEU C 23 23.07 -23.69 17.52
N THR C 24 22.35 -22.68 17.05
CA THR C 24 21.02 -22.36 17.55
C THR C 24 19.92 -22.62 16.53
N PRO C 25 19.00 -23.55 16.86
CA PRO C 25 17.88 -23.95 16.01
C PRO C 25 16.78 -22.90 15.75
N HIS C 26 16.57 -22.56 14.49
CA HIS C 26 15.53 -21.60 14.11
C HIS C 26 14.57 -22.26 13.14
N LEU C 27 13.29 -22.09 13.42
CA LEU C 27 12.24 -22.69 12.61
C LEU C 27 11.51 -21.69 11.69
N VAL C 28 11.30 -22.05 10.42
CA VAL C 28 10.55 -21.17 9.50
C VAL C 28 9.15 -21.75 9.24
N VAL C 29 8.13 -20.96 9.52
CA VAL C 29 6.76 -21.47 9.37
C VAL C 29 5.89 -20.68 8.41
N ASP C 30 4.91 -21.37 7.85
CA ASP C 30 3.96 -20.78 6.92
C ASP C 30 2.70 -20.50 7.73
N VAL C 31 2.37 -19.22 7.90
CA VAL C 31 1.20 -18.87 8.70
C VAL C 31 -0.10 -18.84 7.94
N THR C 32 0.00 -18.86 6.62
CA THR C 32 -1.17 -18.84 5.76
C THR C 32 -1.92 -20.15 5.79
N LEU C 33 -1.50 -21.07 6.64
CA LEU C 33 -2.16 -22.37 6.71
C LEU C 33 -3.01 -22.57 7.94
N PRO C 34 -3.98 -23.47 7.84
CA PRO C 34 -4.87 -23.78 8.96
C PRO C 34 -4.15 -24.54 10.05
N GLY C 35 -4.52 -24.24 11.28
CA GLY C 35 -3.94 -24.89 12.45
C GLY C 35 -2.78 -24.16 13.09
N VAL C 36 -2.25 -23.17 12.37
CA VAL C 36 -1.12 -22.39 12.85
C VAL C 36 -1.50 -21.51 14.02
N GLN C 37 -0.75 -21.61 15.11
CA GLN C 37 -1.02 -20.83 16.31
C GLN C 37 0.14 -19.96 16.74
N VAL C 38 0.12 -18.70 16.30
CA VAL C 38 1.16 -17.73 16.63
C VAL C 38 0.66 -16.30 16.58
N PRO C 39 1.36 -15.37 17.25
CA PRO C 39 0.91 -13.98 17.21
C PRO C 39 1.18 -13.47 15.78
N MET C 40 0.13 -13.48 14.96
CA MET C 40 0.20 -13.08 13.57
C MET C 40 0.95 -11.77 13.32
N GLU C 41 0.82 -10.81 14.24
CA GLU C 41 1.49 -9.52 14.07
C GLU C 41 2.99 -9.69 13.88
N TYR C 42 3.58 -10.68 14.55
CA TYR C 42 5.02 -10.97 14.45
C TYR C 42 5.47 -11.62 13.16
N ALA C 43 4.52 -11.94 12.28
CA ALA C 43 4.85 -12.58 11.01
C ALA C 43 5.15 -11.55 9.93
N ARG C 44 5.53 -12.05 8.76
CA ARG C 44 5.84 -11.18 7.65
C ARG C 44 5.90 -11.95 6.32
N ASP C 45 5.04 -11.55 5.40
CA ASP C 45 4.94 -12.18 4.08
C ASP C 45 4.50 -13.63 4.21
N GLY C 46 3.49 -13.86 5.03
CA GLY C 46 2.97 -15.19 5.19
C GLY C 46 3.93 -16.13 5.88
N GLN C 47 4.87 -15.58 6.63
CA GLN C 47 5.82 -16.41 7.35
C GLN C 47 6.24 -15.86 8.70
N ILE C 48 6.97 -16.68 9.43
CA ILE C 48 7.46 -16.27 10.73
C ILE C 48 8.59 -17.19 11.19
N VAL C 49 9.65 -16.59 11.74
CA VAL C 49 10.80 -17.34 12.22
C VAL C 49 10.72 -17.47 13.74
N LEU C 50 10.92 -18.68 14.25
CA LEU C 50 10.87 -18.90 15.67
C LEU C 50 12.16 -19.50 16.19
N ASN C 51 12.62 -19.03 17.33
CA ASN C 51 13.83 -19.55 17.94
C ASN C 51 13.41 -20.76 18.81
N ILE C 52 13.95 -21.94 18.57
CA ILE C 52 13.54 -23.08 19.41
C ILE C 52 14.68 -23.72 20.23
N ALA C 53 15.76 -22.97 20.40
CA ALA C 53 16.91 -23.42 21.18
C ALA C 53 16.39 -23.64 22.60
N PRO C 54 16.95 -24.62 23.32
CA PRO C 54 16.54 -24.93 24.69
C PRO C 54 16.25 -23.76 25.63
N ARG C 55 17.13 -22.77 25.67
CA ARG C 55 16.97 -21.63 26.57
C ARG C 55 15.92 -20.60 26.22
N ALA C 56 15.47 -20.56 24.98
CA ALA C 56 14.50 -19.55 24.56
C ALA C 56 13.07 -20.06 24.50
N VAL C 57 12.88 -21.31 24.87
CA VAL C 57 11.57 -21.92 24.80
C VAL C 57 11.24 -22.76 26.01
N GLY C 58 9.95 -22.94 26.23
CA GLY C 58 9.50 -23.75 27.34
C GLY C 58 8.67 -24.94 26.91
N ASN C 59 8.92 -26.08 27.53
CA ASN C 59 8.18 -27.32 27.27
C ASN C 59 8.04 -27.58 25.78
N LEU C 60 9.17 -27.55 25.08
CA LEU C 60 9.17 -27.76 23.63
C LEU C 60 8.64 -29.15 23.39
N GLU C 61 7.88 -29.31 22.31
CA GLU C 61 7.33 -30.60 21.94
C GLU C 61 7.46 -30.82 20.44
N LEU C 62 8.20 -31.83 20.04
CA LEU C 62 8.36 -32.07 18.63
C LEU C 62 7.64 -33.35 18.20
N ALA C 63 6.30 -33.31 18.31
CA ALA C 63 5.43 -34.43 17.95
C ALA C 63 5.36 -34.56 16.44
N ASN C 64 4.86 -35.70 15.97
CA ASN C 64 4.76 -35.94 14.54
C ASN C 64 3.62 -35.18 13.89
N ASP C 65 2.62 -34.79 14.67
CA ASP C 65 1.51 -34.03 14.12
C ASP C 65 1.81 -32.54 14.20
N GLU C 66 2.32 -32.09 15.35
CA GLU C 66 2.65 -30.67 15.47
C GLU C 66 3.78 -30.32 16.43
N VAL C 67 4.21 -29.07 16.32
CA VAL C 67 5.27 -28.51 17.15
C VAL C 67 4.66 -27.62 18.23
N ARG C 68 4.87 -28.00 19.48
CA ARG C 68 4.32 -27.27 20.59
C ARG C 68 5.42 -26.78 21.52
N PHE C 69 5.23 -25.58 22.07
CA PHE C 69 6.18 -24.99 23.00
C PHE C 69 5.71 -23.62 23.44
N ASN C 70 6.29 -23.12 24.53
CA ASN C 70 5.95 -21.80 25.01
C ASN C 70 7.19 -20.95 24.74
N ALA C 71 6.97 -19.66 24.59
CA ALA C 71 8.06 -18.73 24.32
C ALA C 71 7.53 -17.37 24.67
N ARG C 72 8.34 -16.35 24.42
CA ARG C 72 7.95 -15.00 24.76
C ARG C 72 8.17 -14.03 23.62
N PHE C 73 7.13 -13.28 23.30
CA PHE C 73 7.21 -12.29 22.26
C PHE C 73 7.07 -10.93 22.96
N GLY C 74 8.16 -10.18 22.96
CA GLY C 74 8.11 -8.90 23.64
C GLY C 74 8.11 -9.13 25.14
N GLY C 75 8.19 -10.38 25.54
CA GLY C 75 8.21 -10.67 26.96
C GLY C 75 6.92 -11.31 27.46
N ILE C 76 5.85 -11.19 26.69
CA ILE C 76 4.62 -11.82 27.12
C ILE C 76 4.70 -13.34 26.90
N PRO C 77 4.58 -14.12 27.97
CA PRO C 77 4.66 -15.57 27.77
C PRO C 77 3.47 -16.00 26.91
N ARG C 78 3.73 -16.85 25.92
CA ARG C 78 2.65 -17.28 25.04
C ARG C 78 2.88 -18.66 24.45
N GLN C 79 1.79 -19.41 24.37
CA GLN C 79 1.81 -20.75 23.83
C GLN C 79 1.84 -20.70 22.30
N VAL C 80 2.45 -21.70 21.69
CA VAL C 80 2.55 -21.76 20.24
C VAL C 80 2.24 -23.18 19.72
N SER C 81 1.60 -23.28 18.55
CA SER C 81 1.27 -24.57 17.93
C SER C 81 1.44 -24.56 16.42
N VAL C 82 2.36 -25.37 15.92
CA VAL C 82 2.60 -25.40 14.49
C VAL C 82 2.38 -26.76 13.83
N PRO C 83 1.46 -26.82 12.88
CA PRO C 83 1.13 -28.04 12.15
C PRO C 83 2.36 -28.41 11.36
N LEU C 84 2.86 -29.63 11.53
CA LEU C 84 4.04 -30.08 10.78
C LEU C 84 3.91 -29.76 9.30
N ALA C 85 2.67 -29.59 8.84
CA ALA C 85 2.39 -29.25 7.46
C ALA C 85 2.98 -27.90 7.07
N ALA C 86 2.98 -26.94 7.99
CA ALA C 86 3.48 -25.60 7.75
C ALA C 86 4.92 -25.36 8.20
N VAL C 87 5.62 -26.41 8.58
CA VAL C 87 7.02 -26.24 8.98
C VAL C 87 7.87 -26.30 7.70
N LEU C 88 8.19 -25.13 7.16
CA LEU C 88 8.96 -24.99 5.92
C LEU C 88 10.43 -25.37 6.00
N ALA C 89 11.11 -24.96 7.07
CA ALA C 89 12.53 -25.26 7.22
C ALA C 89 13.04 -25.14 8.64
N ILE C 90 14.24 -25.69 8.86
CA ILE C 90 14.91 -25.61 10.15
C ILE C 90 16.34 -25.23 9.83
N TYR C 91 16.93 -24.31 10.60
CA TYR C 91 18.28 -23.91 10.28
C TYR C 91 19.00 -23.30 11.47
N ALA C 92 20.30 -23.08 11.31
CA ALA C 92 21.08 -22.51 12.37
C ALA C 92 21.26 -21.02 12.14
N ARG C 93 21.06 -20.21 13.18
CA ARG C 93 21.17 -18.76 13.10
C ARG C 93 22.55 -18.28 12.73
N GLU C 94 23.55 -18.92 13.34
CA GLU C 94 24.96 -18.61 13.15
C GLU C 94 25.50 -18.78 11.75
N ASN C 95 25.25 -19.93 11.15
CA ASN C 95 25.75 -20.17 9.81
C ASN C 95 24.76 -20.80 8.87
N GLY C 96 23.48 -20.47 9.06
CA GLY C 96 22.46 -21.01 8.19
C GLY C 96 22.48 -22.49 7.82
N ALA C 97 23.27 -23.33 8.49
CA ALA C 97 23.30 -24.76 8.18
C ALA C 97 21.93 -25.33 8.55
N GLY C 98 21.51 -26.40 7.89
CA GLY C 98 20.20 -26.97 8.21
C GLY C 98 19.57 -27.69 7.03
N THR C 99 18.29 -27.43 6.79
CA THR C 99 17.58 -28.04 5.68
C THR C 99 16.15 -27.55 5.48
N MET C 100 15.74 -27.53 4.21
CA MET C 100 14.39 -27.12 3.86
C MET C 100 13.62 -28.41 3.63
N PHE C 101 12.39 -28.44 4.11
CA PHE C 101 11.60 -29.65 3.96
C PHE C 101 10.90 -29.86 2.62
N GLU C 102 11.14 -31.05 2.06
CA GLU C 102 10.57 -31.48 0.79
C GLU C 102 9.07 -31.70 0.91
N PRO C 103 8.32 -31.43 -0.17
CA PRO C 103 6.87 -31.63 -0.16
C PRO C 103 6.51 -33.10 -0.02
N GLU C 104 5.41 -33.36 0.67
CA GLU C 104 4.92 -34.70 0.88
C GLU C 104 3.39 -34.67 0.77
N ALA C 105 2.80 -35.72 0.20
CA ALA C 105 1.35 -35.79 0.02
C ALA C 105 0.54 -35.73 1.31
N ALA C 106 1.09 -36.27 2.40
CA ALA C 106 0.39 -36.27 3.69
C ALA C 106 -0.07 -34.87 4.05
N TYR C 107 0.70 -33.87 3.63
CA TYR C 107 0.43 -32.47 3.89
C TYR C 107 -0.13 -31.84 2.62
N ASP C 108 -1.07 -32.53 1.98
CA ASP C 108 -1.68 -32.06 0.74
C ASP C 108 -0.61 -31.97 -0.37
N ALA D 1 14.70 -13.67 15.68
CA ALA D 1 13.38 -14.36 15.57
C ALA D 1 12.24 -13.55 16.22
N ALA D 2 11.01 -14.00 16.03
CA ALA D 2 9.83 -13.34 16.57
C ALA D 2 9.79 -13.40 18.08
N ASN D 3 10.22 -14.53 18.66
CA ASN D 3 10.24 -14.69 20.12
C ASN D 3 11.60 -14.27 20.72
N ASP D 4 11.62 -13.98 22.01
CA ASP D 4 12.85 -13.56 22.68
C ASP D 4 13.86 -14.71 22.88
N GLU D 5 15.12 -14.35 23.14
CA GLU D 5 16.22 -15.29 23.32
C GLU D 5 16.17 -16.13 24.58
N ASN D 6 15.51 -15.63 25.61
CA ASN D 6 15.41 -16.37 26.86
C ASN D 6 14.01 -16.41 27.44
N TYR D 7 13.54 -17.63 27.72
CA TYR D 7 12.23 -17.86 28.30
C TYR D 7 12.45 -17.96 29.81
N ALA D 8 13.54 -17.33 30.27
CA ALA D 8 13.92 -17.35 31.69
C ALA D 8 12.93 -16.58 32.56
N SER E 1 35.21 20.12 25.25
CA SER E 1 36.20 20.71 24.31
C SER E 1 35.42 21.28 23.12
N GLN E 2 36.14 21.72 22.10
CA GLN E 2 35.50 22.27 20.91
C GLN E 2 35.20 21.11 19.97
N LEU E 3 35.47 19.89 20.44
CA LEU E 3 35.24 18.68 19.67
C LEU E 3 33.74 18.42 19.61
N THR E 4 33.32 17.53 18.72
CA THR E 4 31.90 17.22 18.58
C THR E 4 31.47 16.21 19.65
N PRO E 5 30.19 16.23 20.05
CA PRO E 5 29.65 15.33 21.06
C PRO E 5 29.76 13.85 20.67
N ARG E 6 30.07 13.02 21.66
CA ARG E 6 30.26 11.58 21.46
C ARG E 6 28.99 10.75 21.47
N ARG E 7 27.99 11.23 22.20
CA ARG E 7 26.71 10.55 22.37
C ARG E 7 26.11 9.81 21.17
N PRO E 8 25.94 10.50 20.05
CA PRO E 8 25.36 9.79 18.92
C PRO E 8 26.17 8.55 18.51
N TYR E 9 27.50 8.65 18.62
CA TYR E 9 28.39 7.54 18.26
C TYR E 9 28.28 6.44 19.28
N LEU E 10 28.01 6.79 20.53
CA LEU E 10 27.86 5.80 21.58
C LEU E 10 26.54 5.05 21.41
N LEU E 11 25.50 5.76 20.96
CA LEU E 11 24.18 5.18 20.73
C LEU E 11 24.26 4.03 19.69
N ARG E 12 24.89 4.30 18.56
CA ARG E 12 25.05 3.28 17.51
C ARG E 12 25.97 2.15 17.99
N ALA E 13 26.94 2.50 18.83
CA ALA E 13 27.85 1.50 19.36
C ALA E 13 27.02 0.46 20.14
N PHE E 14 26.22 0.95 21.08
CA PHE E 14 25.38 0.08 21.90
C PHE E 14 24.25 -0.56 21.10
N TYR E 15 23.70 0.17 20.15
CA TYR E 15 22.63 -0.38 19.34
C TYR E 15 23.13 -1.69 18.72
N GLU E 16 24.31 -1.63 18.09
CA GLU E 16 24.93 -2.79 17.46
C GLU E 16 25.26 -3.83 18.52
N TRP E 17 25.79 -3.36 19.64
CA TRP E 17 26.14 -4.27 20.70
C TRP E 17 24.94 -5.06 21.23
N LEU E 18 23.83 -4.36 21.51
CA LEU E 18 22.64 -5.02 22.02
C LEU E 18 22.08 -5.98 20.99
N LEU E 19 21.98 -5.53 19.76
CA LEU E 19 21.43 -6.38 18.71
C LEU E 19 22.24 -7.61 18.41
N ASP E 20 23.56 -7.55 18.61
CA ASP E 20 24.38 -8.72 18.31
C ASP E 20 24.41 -9.76 19.43
N ASN E 21 23.81 -9.40 20.56
CA ASN E 21 23.69 -10.30 21.69
C ASN E 21 22.21 -10.67 21.72
N GLN E 22 21.54 -10.44 20.58
CA GLN E 22 20.11 -10.69 20.38
C GLN E 22 19.24 -10.11 21.46
N LEU E 23 19.34 -8.82 21.69
CA LEU E 23 18.53 -8.16 22.71
C LEU E 23 17.66 -7.08 22.04
N THR E 24 16.73 -6.51 22.79
CA THR E 24 15.85 -5.50 22.21
C THR E 24 16.21 -4.09 22.71
N PRO E 25 16.81 -3.27 21.84
CA PRO E 25 17.21 -1.91 22.19
C PRO E 25 16.00 -1.02 22.48
N HIS E 26 16.08 -0.28 23.58
CA HIS E 26 15.03 0.64 23.98
C HIS E 26 15.67 1.99 24.24
N LEU E 27 14.98 3.04 23.81
CA LEU E 27 15.47 4.40 23.99
C LEU E 27 14.65 5.07 25.08
N VAL E 28 15.21 6.09 25.73
CA VAL E 28 14.47 6.83 26.78
C VAL E 28 14.69 8.32 26.48
N VAL E 29 13.59 8.99 26.11
CA VAL E 29 13.64 10.38 25.69
C VAL E 29 12.98 11.42 26.58
N ASP E 30 13.66 12.55 26.75
CA ASP E 30 13.12 13.64 27.54
C ASP E 30 12.17 14.48 26.66
N VAL E 31 10.89 14.09 26.58
CA VAL E 31 9.95 14.82 25.74
C VAL E 31 9.82 16.30 26.08
N THR E 32 10.64 16.78 27.01
CA THR E 32 10.62 18.19 27.41
C THR E 32 11.35 19.09 26.42
N LEU E 33 12.63 18.83 26.20
CA LEU E 33 13.44 19.59 25.28
C LEU E 33 12.71 19.90 23.97
N PRO E 34 13.04 21.03 23.35
CA PRO E 34 12.38 21.40 22.10
C PRO E 34 12.85 20.50 20.95
N GLY E 35 12.07 20.47 19.88
CA GLY E 35 12.45 19.68 18.71
C GLY E 35 12.06 18.22 18.76
N VAL E 36 11.62 17.76 19.92
CA VAL E 36 11.20 16.37 20.08
C VAL E 36 9.81 16.17 19.49
N GLN E 37 9.74 15.27 18.51
CA GLN E 37 8.49 14.97 17.86
C GLN E 37 8.07 13.52 18.01
N VAL E 38 7.16 13.30 18.97
CA VAL E 38 6.58 11.99 19.29
C VAL E 38 5.10 12.16 19.70
N PRO E 39 4.39 11.04 19.91
CA PRO E 39 2.97 11.09 20.32
C PRO E 39 2.81 11.36 21.81
N MET E 40 2.96 12.62 22.21
CA MET E 40 2.89 13.07 23.60
C MET E 40 1.95 12.38 24.58
N GLU E 41 0.90 11.74 24.08
CA GLU E 41 -0.03 11.07 24.98
C GLU E 41 0.71 9.98 25.73
N TYR E 42 1.40 9.13 24.98
CA TYR E 42 2.17 8.00 25.53
C TYR E 42 3.28 8.39 26.51
N ALA E 43 3.60 9.69 26.55
CA ALA E 43 4.63 10.22 27.42
C ALA E 43 4.19 10.23 28.87
N ARG E 44 5.08 9.83 29.78
CA ARG E 44 4.77 9.79 31.21
C ARG E 44 5.93 10.30 32.06
N ASP E 45 5.65 11.33 32.86
CA ASP E 45 6.64 11.97 33.74
C ASP E 45 7.87 12.61 33.06
N GLY E 46 7.64 13.26 31.93
CA GLY E 46 8.73 13.93 31.26
C GLY E 46 9.47 13.09 30.27
N GLN E 47 9.33 11.77 30.35
CA GLN E 47 10.06 10.90 29.42
C GLN E 47 9.12 10.03 28.64
N ILE E 48 9.66 9.35 27.63
CA ILE E 48 8.91 8.43 26.79
C ILE E 48 9.88 7.33 26.39
N VAL E 49 9.37 6.12 26.23
CA VAL E 49 10.24 5.01 25.90
C VAL E 49 9.95 4.47 24.53
N LEU E 50 10.94 4.52 23.66
CA LEU E 50 10.74 4.02 22.33
C LEU E 50 11.59 2.77 22.13
N ASN E 51 10.95 1.71 21.64
CA ASN E 51 11.63 0.46 21.40
C ASN E 51 12.06 0.55 19.95
N ILE E 52 13.37 0.68 19.73
CA ILE E 52 13.88 0.82 18.37
C ILE E 52 14.48 -0.40 17.71
N ALA E 53 14.13 -1.59 18.20
CA ALA E 53 14.63 -2.80 17.56
C ALA E 53 14.01 -2.86 16.16
N PRO E 54 14.78 -3.30 15.19
CA PRO E 54 14.33 -3.41 13.82
C PRO E 54 12.86 -3.78 13.53
N ARG E 55 12.33 -4.82 14.17
CA ARG E 55 10.95 -5.22 13.89
C ARG E 55 9.83 -4.20 14.18
N ALA E 56 10.01 -3.37 15.20
CA ALA E 56 8.98 -2.40 15.56
C ALA E 56 9.30 -1.02 15.04
N VAL E 57 10.07 -0.97 13.95
CA VAL E 57 10.47 0.32 13.39
C VAL E 57 10.76 0.31 11.87
N GLY E 58 10.50 1.45 11.23
CA GLY E 58 10.76 1.59 9.81
C GLY E 58 11.66 2.78 9.55
N ASN E 59 12.52 2.63 8.54
CA ASN E 59 13.47 3.68 8.15
C ASN E 59 14.22 4.23 9.36
N LEU E 60 14.72 3.33 10.19
CA LEU E 60 15.44 3.76 11.39
C LEU E 60 16.77 4.43 11.06
N GLU E 61 16.97 5.60 11.66
CA GLU E 61 18.20 6.36 11.46
C GLU E 61 18.77 6.76 12.80
N LEU E 62 20.05 6.46 12.98
CA LEU E 62 20.77 6.82 14.19
C LEU E 62 21.80 7.85 13.75
N ALA E 63 21.28 8.95 13.20
CA ALA E 63 22.11 10.05 12.75
C ALA E 63 22.76 10.73 13.94
N ASN E 64 23.65 11.68 13.67
CA ASN E 64 24.31 12.38 14.74
C ASN E 64 23.45 13.48 15.30
N ASP E 65 22.68 14.15 14.43
CA ASP E 65 21.82 15.25 14.86
C ASP E 65 20.52 14.82 15.52
N GLU E 66 19.95 13.71 15.08
CA GLU E 66 18.72 13.24 15.68
C GLU E 66 18.31 11.84 15.23
N VAL E 67 17.39 11.25 15.99
CA VAL E 67 16.85 9.93 15.71
C VAL E 67 15.48 10.07 15.04
N ARG E 68 15.29 9.38 13.92
CA ARG E 68 14.06 9.44 13.15
C ARG E 68 13.69 8.07 12.66
N PHE E 69 12.42 7.72 12.86
CA PHE E 69 11.93 6.42 12.44
C PHE E 69 10.39 6.35 12.43
N ASN E 70 9.88 5.24 11.92
CA ASN E 70 8.45 5.01 11.88
C ASN E 70 8.06 3.84 12.77
N ALA E 71 6.97 4.04 13.50
CA ALA E 71 6.46 3.01 14.39
C ALA E 71 4.94 3.13 14.40
N ARG E 72 4.30 2.24 15.15
CA ARG E 72 2.86 2.24 15.28
C ARG E 72 2.58 2.57 16.74
N PHE E 73 1.56 3.38 16.98
CA PHE E 73 1.17 3.75 18.32
C PHE E 73 -0.33 3.55 18.36
N GLY E 74 -0.77 2.66 19.24
CA GLY E 74 -2.19 2.37 19.32
C GLY E 74 -2.64 1.71 18.03
N GLY E 75 -1.71 1.02 17.36
CA GLY E 75 -2.01 0.35 16.11
C GLY E 75 -1.89 1.21 14.86
N ILE E 76 -1.45 2.45 14.99
CA ILE E 76 -1.35 3.33 13.83
C ILE E 76 0.05 3.81 13.49
N PRO E 77 0.36 3.89 12.19
CA PRO E 77 1.64 4.35 11.64
C PRO E 77 1.87 5.82 11.95
N ARG E 78 3.04 6.14 12.50
CA ARG E 78 3.39 7.51 12.85
C ARG E 78 4.89 7.72 12.61
N GLN E 79 5.29 8.96 12.31
CA GLN E 79 6.68 9.28 12.05
C GLN E 79 7.30 9.97 13.25
N VAL E 80 8.54 9.60 13.58
CA VAL E 80 9.18 10.20 14.74
C VAL E 80 10.48 10.96 14.46
N SER E 81 10.81 11.84 15.39
CA SER E 81 12.03 12.64 15.34
C SER E 81 12.45 12.90 16.79
N VAL E 82 13.69 12.53 17.12
CA VAL E 82 14.18 12.73 18.47
C VAL E 82 15.59 13.30 18.50
N PRO E 83 15.71 14.58 18.90
CA PRO E 83 16.99 15.28 18.98
C PRO E 83 17.93 14.49 19.87
N LEU E 84 19.09 14.14 19.35
CA LEU E 84 20.07 13.37 20.10
C LEU E 84 20.34 13.89 21.51
N ALA E 85 19.93 15.13 21.79
CA ALA E 85 20.17 15.71 23.11
C ALA E 85 19.03 15.43 24.08
N ALA E 86 17.93 14.92 23.56
CA ALA E 86 16.76 14.59 24.38
C ALA E 86 16.81 13.13 24.75
N VAL E 87 17.82 12.42 24.23
CA VAL E 87 18.04 10.99 24.48
C VAL E 87 18.75 10.79 25.81
N LEU E 88 18.03 10.27 26.81
CA LEU E 88 18.60 10.04 28.13
C LEU E 88 19.36 8.72 28.31
N ALA E 89 18.94 7.67 27.61
CA ALA E 89 19.60 6.38 27.75
C ALA E 89 19.20 5.39 26.67
N ILE E 90 19.84 4.22 26.70
CA ILE E 90 19.61 3.14 25.75
C ILE E 90 19.90 1.85 26.51
N TYR E 91 18.88 1.02 26.70
CA TYR E 91 19.01 -0.24 27.45
C TYR E 91 18.38 -1.43 26.76
N ALA E 92 18.67 -2.63 27.28
CA ALA E 92 18.15 -3.88 26.73
C ALA E 92 16.90 -4.26 27.50
N ARG E 93 15.75 -4.20 26.82
CA ARG E 93 14.46 -4.51 27.45
C ARG E 93 14.46 -5.71 28.35
N GLU E 94 15.12 -6.80 27.95
CA GLU E 94 15.08 -7.96 28.81
C GLU E 94 16.15 -8.13 29.88
N ASN E 95 17.09 -7.19 30.02
CA ASN E 95 18.07 -7.35 31.10
C ASN E 95 18.80 -6.10 31.59
N GLY E 96 18.33 -4.91 31.22
CA GLY E 96 18.98 -3.69 31.69
C GLY E 96 20.22 -3.27 30.92
N ALA E 97 20.85 -4.23 30.25
CA ALA E 97 22.06 -3.96 29.46
C ALA E 97 21.99 -2.68 28.65
N GLY E 98 23.09 -1.93 28.60
CA GLY E 98 23.12 -0.70 27.83
C GLY E 98 23.78 0.42 28.60
N THR E 99 23.27 1.64 28.46
CA THR E 99 23.87 2.75 29.16
C THR E 99 23.04 3.99 29.31
N MET E 100 23.31 4.67 30.43
CA MET E 100 22.66 5.91 30.75
C MET E 100 23.67 6.95 30.24
N PHE E 101 23.30 7.76 29.26
CA PHE E 101 24.25 8.73 28.72
C PHE E 101 24.62 9.87 29.65
N GLU E 102 25.85 10.37 29.50
CA GLU E 102 26.36 11.47 30.32
C GLU E 102 26.20 12.79 29.58
N PRO E 103 25.92 13.87 30.31
CA PRO E 103 25.73 15.24 29.81
C PRO E 103 26.93 15.78 29.05
N GLU E 104 26.70 16.28 27.85
CA GLU E 104 27.79 16.84 27.05
C GLU E 104 27.62 18.34 26.84
N ALA E 105 28.75 19.03 26.75
CA ALA E 105 28.79 20.48 26.54
C ALA E 105 27.93 20.95 25.35
N ALA E 106 28.10 20.29 24.21
CA ALA E 106 27.37 20.65 23.00
C ALA E 106 25.85 20.60 23.16
N TYR E 107 25.40 19.93 24.22
CA TYR E 107 23.99 19.79 24.51
C TYR E 107 23.62 20.73 25.63
N ASP E 108 24.61 21.51 26.06
CA ASP E 108 24.48 22.48 27.15
C ASP E 108 24.69 21.81 28.51
N ALA F 1 6.97 -0.72 25.68
CA ALA F 1 7.31 0.64 25.19
C ALA F 1 6.08 1.37 24.66
N ALA F 2 6.26 2.65 24.34
CA ALA F 2 5.18 3.50 23.83
C ALA F 2 4.65 3.03 22.50
N ASN F 3 5.55 2.57 21.62
CA ASN F 3 5.17 2.08 20.29
C ASN F 3 4.92 0.57 20.31
N ASP F 4 4.24 0.06 19.29
CA ASP F 4 3.94 -1.37 19.23
C ASP F 4 5.15 -2.22 18.89
N GLU F 5 5.04 -3.53 19.11
CA GLU F 5 6.13 -4.44 18.83
C GLU F 5 6.44 -4.69 17.38
N ASN F 6 5.45 -4.55 16.50
CA ASN F 6 5.68 -4.77 15.08
C ASN F 6 5.18 -3.63 14.21
N TYR F 7 6.04 -3.17 13.32
CA TYR F 7 5.69 -2.11 12.39
C TYR F 7 5.33 -2.82 11.09
N ALA F 8 4.82 -4.05 11.23
CA ALA F 8 4.43 -4.87 10.08
C ALA F 8 3.17 -4.31 9.40
N SER G 1 25.76 -10.67 32.65
CA SER G 1 27.09 -10.15 32.22
C SER G 1 27.96 -11.24 31.56
N GLN G 2 27.29 -12.20 30.93
CA GLN G 2 27.94 -13.32 30.22
C GLN G 2 27.74 -13.07 28.72
N LEU G 3 27.69 -11.79 28.34
CA LEU G 3 27.48 -11.38 26.96
C LEU G 3 28.79 -11.12 26.23
N THR G 4 28.70 -10.65 24.98
CA THR G 4 29.90 -10.35 24.22
C THR G 4 30.51 -9.07 24.77
N PRO G 5 31.83 -8.95 24.65
CA PRO G 5 32.55 -7.76 25.14
C PRO G 5 32.26 -6.50 24.31
N ARG G 6 32.10 -5.36 24.98
CA ARG G 6 31.82 -4.09 24.32
C ARG G 6 32.99 -3.46 23.55
N ARG G 7 34.19 -3.66 24.07
CA ARG G 7 35.43 -3.10 23.53
C ARG G 7 35.60 -2.84 22.02
N PRO G 8 35.32 -3.85 21.18
CA PRO G 8 35.49 -3.62 19.75
C PRO G 8 34.50 -2.61 19.12
N TYR G 9 33.36 -2.38 19.78
CA TYR G 9 32.35 -1.46 19.29
C TYR G 9 32.74 -0.03 19.63
N LEU G 10 33.22 0.17 20.86
CA LEU G 10 33.64 1.49 21.32
C LEU G 10 34.90 1.89 20.55
N LEU G 11 35.62 0.90 20.03
CA LEU G 11 36.82 1.17 19.27
C LEU G 11 36.34 1.78 17.97
N ARG G 12 35.28 1.20 17.43
CA ARG G 12 34.68 1.69 16.18
C ARG G 12 33.99 3.04 16.45
N ALA G 13 33.35 3.15 17.61
CA ALA G 13 32.69 4.39 18.01
C ALA G 13 33.71 5.54 18.04
N PHE G 14 34.84 5.31 18.71
CA PHE G 14 35.87 6.33 18.81
C PHE G 14 36.63 6.57 17.51
N TYR G 15 36.83 5.51 16.75
CA TYR G 15 37.54 5.63 15.49
C TYR G 15 36.87 6.64 14.57
N GLU G 16 35.57 6.42 14.30
CA GLU G 16 34.79 7.30 13.45
C GLU G 16 34.74 8.70 14.05
N TRP G 17 34.36 8.78 15.33
CA TRP G 17 34.29 10.04 16.04
C TRP G 17 35.59 10.81 15.86
N LEU G 18 36.70 10.25 16.34
CA LEU G 18 38.01 10.87 16.21
C LEU G 18 38.17 11.41 14.79
N LEU G 19 37.89 10.57 13.80
CA LEU G 19 38.01 10.96 12.41
C LEU G 19 37.13 12.13 12.06
N ASP G 20 35.89 12.13 12.53
CA ASP G 20 34.98 13.23 12.25
C ASP G 20 35.45 14.57 12.84
N ASN G 21 36.43 14.54 13.73
CA ASN G 21 36.96 15.77 14.32
C ASN G 21 38.29 16.14 13.67
N GLN G 22 38.64 15.45 12.59
CA GLN G 22 39.89 15.69 11.87
C GLN G 22 41.05 15.31 12.78
N LEU G 23 40.93 14.17 13.44
CA LEU G 23 41.96 13.75 14.33
C LEU G 23 42.59 12.48 13.82
N THR G 24 43.80 12.21 14.29
CA THR G 24 44.60 11.06 13.90
C THR G 24 44.55 9.88 14.87
N PRO G 25 43.81 8.82 14.52
CA PRO G 25 43.66 7.61 15.34
C PRO G 25 44.96 6.84 15.62
N HIS G 26 45.31 6.77 16.90
CA HIS G 26 46.51 6.07 17.38
C HIS G 26 46.13 4.99 18.38
N LEU G 27 46.50 3.75 18.06
CA LEU G 27 46.20 2.60 18.90
C LEU G 27 47.40 2.18 19.80
N VAL G 28 47.10 1.85 21.06
CA VAL G 28 48.14 1.40 21.98
C VAL G 28 47.97 -0.09 22.21
N VAL G 29 49.04 -0.85 21.98
CA VAL G 29 48.97 -2.30 22.12
C VAL G 29 49.96 -2.94 23.09
N ASP G 30 49.53 -4.04 23.69
CA ASP G 30 50.38 -4.80 24.60
C ASP G 30 50.93 -5.93 23.75
N VAL G 31 52.18 -5.76 23.33
CA VAL G 31 52.83 -6.75 22.48
C VAL G 31 53.10 -8.05 23.21
N THR G 32 52.99 -8.05 24.53
CA THR G 32 53.26 -9.25 25.30
C THR G 32 52.18 -10.33 25.23
N LEU G 33 51.00 -9.94 24.76
CA LEU G 33 49.88 -10.87 24.64
C LEU G 33 49.95 -11.84 23.48
N PRO G 34 49.53 -13.08 23.70
CA PRO G 34 49.57 -14.07 22.62
C PRO G 34 48.67 -13.61 21.50
N GLY G 35 49.00 -13.98 20.28
CA GLY G 35 48.19 -13.56 19.14
C GLY G 35 48.78 -12.35 18.45
N VAL G 36 49.03 -11.27 19.22
CA VAL G 36 49.60 -10.04 18.68
C VAL G 36 50.62 -10.33 17.57
N GLN G 37 50.53 -9.61 16.45
CA GLN G 37 51.46 -9.79 15.32
C GLN G 37 51.98 -8.46 14.80
N VAL G 38 53.09 -8.01 15.38
CA VAL G 38 53.72 -6.75 15.00
C VAL G 38 55.24 -6.87 14.93
N PRO G 39 55.91 -5.90 14.30
CA PRO G 39 57.38 -5.97 14.21
C PRO G 39 57.95 -5.61 15.58
N MET G 40 58.22 -6.63 16.40
CA MET G 40 58.73 -6.45 17.76
C MET G 40 59.92 -5.50 17.95
N GLU G 41 60.79 -5.39 16.94
CA GLU G 41 61.93 -4.48 17.02
C GLU G 41 61.38 -3.11 17.42
N TYR G 42 60.20 -2.77 16.91
CA TYR G 42 59.57 -1.48 17.21
C TYR G 42 58.96 -1.35 18.60
N ALA G 43 58.62 -2.49 19.20
CA ALA G 43 58.03 -2.53 20.54
C ALA G 43 58.96 -1.91 21.57
N ARG G 44 58.40 -1.46 22.67
CA ARG G 44 59.20 -0.83 23.70
C ARG G 44 58.42 -0.85 25.01
N ASP G 45 59.05 -1.44 26.02
CA ASP G 45 58.48 -1.61 27.36
C ASP G 45 57.26 -2.51 27.19
N GLY G 46 57.35 -3.45 26.26
CA GLY G 46 56.25 -4.36 26.04
C GLY G 46 55.04 -3.77 25.32
N GLN G 47 55.22 -2.62 24.68
CA GLN G 47 54.12 -1.99 23.96
C GLN G 47 54.54 -1.38 22.64
N ILE G 48 53.57 -1.16 21.77
CA ILE G 48 53.82 -0.57 20.46
C ILE G 48 52.64 0.36 20.19
N VAL G 49 52.89 1.44 19.47
CA VAL G 49 51.83 2.39 19.14
C VAL G 49 51.62 2.41 17.64
N LEU G 50 50.37 2.32 17.22
CA LEU G 50 50.11 2.30 15.80
C LEU G 50 49.20 3.41 15.28
N ASN G 51 49.56 3.93 14.12
CA ASN G 51 48.78 4.96 13.48
C ASN G 51 47.83 4.24 12.54
N ILE G 52 46.55 4.16 12.89
CA ILE G 52 45.58 3.48 12.04
C ILE G 52 44.60 4.43 11.35
N ALA G 53 45.08 5.61 11.02
CA ALA G 53 44.26 6.59 10.32
C ALA G 53 44.04 6.08 8.91
N PRO G 54 42.92 6.45 8.28
CA PRO G 54 42.59 6.03 6.92
C PRO G 54 43.63 6.39 5.88
N ARG G 55 44.83 6.70 6.32
CA ARG G 55 45.90 7.08 5.41
C ARG G 55 47.21 6.39 5.73
N ALA G 56 47.39 6.05 7.00
CA ALA G 56 48.60 5.40 7.47
C ALA G 56 48.52 3.91 7.19
N VAL G 57 47.30 3.40 7.18
CA VAL G 57 47.09 1.99 6.95
C VAL G 57 46.31 1.69 5.69
N GLY G 58 46.52 0.47 5.20
CA GLY G 58 45.84 -0.02 4.03
C GLY G 58 45.09 -1.28 4.43
N ASN G 59 43.79 -1.29 4.16
CA ASN G 59 42.93 -2.44 4.49
C ASN G 59 42.64 -2.54 5.97
N LEU G 60 42.24 -1.44 6.59
CA LEU G 60 41.94 -1.48 8.02
C LEU G 60 40.76 -2.41 8.23
N GLU G 61 40.91 -3.30 9.19
CA GLU G 61 39.87 -4.27 9.54
C GLU G 61 39.57 -4.19 11.03
N LEU G 62 38.67 -3.31 11.44
CA LEU G 62 38.37 -3.23 12.86
C LEU G 62 37.31 -4.25 13.27
N ALA G 63 37.69 -5.53 13.28
CA ALA G 63 36.77 -6.60 13.63
C ALA G 63 36.45 -6.68 15.12
N ASN G 64 35.75 -7.73 15.53
CA ASN G 64 35.37 -7.89 16.94
C ASN G 64 36.38 -8.71 17.72
N ASP G 65 37.11 -9.55 17.01
CA ASP G 65 38.09 -10.39 17.65
C ASP G 65 39.46 -9.79 17.56
N GLU G 66 39.76 -9.17 16.42
CA GLU G 66 41.07 -8.58 16.22
C GLU G 66 41.10 -7.50 15.14
N VAL G 67 41.94 -6.49 15.36
CA VAL G 67 42.13 -5.41 14.40
C VAL G 67 43.15 -5.92 13.36
N ARG G 68 43.01 -5.50 12.10
CA ARG G 68 43.93 -5.95 11.07
C ARG G 68 44.10 -4.86 10.06
N PHE G 69 45.34 -4.67 9.59
CA PHE G 69 45.62 -3.64 8.60
C PHE G 69 47.05 -3.74 8.09
N ASN G 70 47.31 -3.11 6.94
CA ASN G 70 48.66 -3.11 6.39
C ASN G 70 49.29 -1.74 6.58
N ALA G 71 50.37 -1.69 7.34
CA ALA G 71 51.09 -0.44 7.58
C ALA G 71 52.53 -0.72 7.13
N ARG G 72 53.28 0.33 6.83
CA ARG G 72 54.66 0.12 6.41
C ARG G 72 55.63 0.64 7.49
N PHE G 73 56.56 -0.20 7.91
CA PHE G 73 57.54 0.15 8.94
C PHE G 73 58.92 0.38 8.35
N GLY G 74 59.40 1.62 8.44
CA GLY G 74 60.69 1.93 7.88
C GLY G 74 60.61 1.86 6.36
N GLY G 75 59.38 1.98 5.86
CA GLY G 75 59.11 1.93 4.43
C GLY G 75 58.71 0.55 3.93
N ILE G 76 59.00 -0.49 4.70
CA ILE G 76 58.67 -1.85 4.31
C ILE G 76 57.21 -2.18 4.62
N PRO G 77 56.43 -2.53 3.59
CA PRO G 77 55.01 -2.88 3.78
C PRO G 77 54.89 -4.13 4.64
N ARG G 78 53.86 -4.18 5.48
CA ARG G 78 53.71 -5.32 6.38
C ARG G 78 52.31 -5.47 6.99
N GLN G 79 51.83 -6.71 7.06
CA GLN G 79 50.51 -7.00 7.64
C GLN G 79 50.56 -6.97 9.17
N VAL G 80 49.56 -6.39 9.81
CA VAL G 80 49.53 -6.34 11.27
C VAL G 80 48.25 -6.99 11.76
N SER G 81 48.36 -7.75 12.85
CA SER G 81 47.21 -8.44 13.43
C SER G 81 47.25 -8.26 14.95
N VAL G 82 46.26 -7.56 15.48
CA VAL G 82 46.21 -7.31 16.91
C VAL G 82 44.95 -7.86 17.53
N PRO G 83 45.08 -8.93 18.33
CA PRO G 83 43.85 -9.44 18.94
C PRO G 83 43.27 -8.34 19.81
N LEU G 84 41.96 -8.36 20.05
CA LEU G 84 41.33 -7.33 20.86
C LEU G 84 41.77 -7.34 22.32
N ALA G 85 42.29 -8.48 22.78
CA ALA G 85 42.77 -8.60 24.15
C ALA G 85 43.96 -7.68 24.38
N ALA G 86 44.78 -7.53 23.33
CA ALA G 86 45.98 -6.72 23.37
C ALA G 86 45.78 -5.20 23.29
N VAL G 87 44.70 -4.76 22.64
CA VAL G 87 44.45 -3.32 22.52
C VAL G 87 44.08 -2.63 23.85
N LEU G 88 44.99 -1.78 24.32
CA LEU G 88 44.85 -1.07 25.59
C LEU G 88 44.11 0.26 25.49
N ALA G 89 44.33 0.99 24.40
CA ALA G 89 43.66 2.28 24.23
C ALA G 89 43.71 2.88 22.82
N ILE G 90 42.83 3.85 22.59
CA ILE G 90 42.76 4.55 21.32
C ILE G 90 42.70 6.02 21.70
N TYR G 91 43.29 6.90 20.87
CA TYR G 91 43.29 8.33 21.15
C TYR G 91 43.66 9.16 19.92
N ALA G 92 43.77 10.47 20.10
CA ALA G 92 44.13 11.37 19.01
C ALA G 92 45.58 11.86 19.14
N ARG G 93 46.37 11.58 18.11
CA ARG G 93 47.75 11.98 18.06
C ARG G 93 47.93 13.44 18.35
N GLU G 94 47.00 14.25 17.86
CA GLU G 94 47.10 15.70 18.03
C GLU G 94 46.55 16.31 19.32
N ASN G 95 46.09 15.50 20.27
CA ASN G 95 45.60 16.10 21.52
C ASN G 95 45.32 15.17 22.68
N GLY G 96 45.42 13.87 22.46
CA GLY G 96 45.18 12.95 23.56
C GLY G 96 43.74 12.54 23.81
N ALA G 97 42.80 13.20 23.14
CA ALA G 97 41.38 12.88 23.28
C ALA G 97 41.20 11.43 22.89
N GLY G 98 40.46 10.70 23.72
CA GLY G 98 40.26 9.28 23.42
C GLY G 98 39.89 8.50 24.68
N THR G 99 40.02 7.18 24.64
CA THR G 99 39.66 6.37 25.79
C THR G 99 40.67 5.26 26.13
N MET G 100 40.68 4.91 27.40
CA MET G 100 41.56 3.90 27.93
C MET G 100 40.70 2.68 28.21
N PHE G 101 40.56 1.82 27.21
CA PHE G 101 39.71 0.62 27.35
C PHE G 101 39.84 -0.09 28.68
N GLU G 102 38.70 -0.23 29.36
CA GLU G 102 38.63 -0.90 30.65
C GLU G 102 38.76 -2.41 30.41
N PRO G 103 38.88 -3.19 31.49
CA PRO G 103 39.01 -4.66 31.37
C PRO G 103 37.66 -5.38 31.32
N GLU G 104 37.64 -6.51 30.64
CA GLU G 104 36.42 -7.30 30.52
C GLU G 104 36.76 -8.78 30.73
N ALA G 105 35.82 -9.53 31.30
CA ALA G 105 36.00 -10.95 31.57
C ALA G 105 36.31 -11.77 30.34
N ALA G 106 35.87 -11.29 29.18
CA ALA G 106 36.13 -12.00 27.93
C ALA G 106 37.63 -12.12 27.73
N TYR G 107 38.33 -11.00 27.86
CA TYR G 107 39.77 -10.95 27.68
C TYR G 107 40.49 -11.30 28.97
N ASP G 108 39.75 -11.87 29.91
CA ASP G 108 40.31 -12.24 31.20
C ASP G 108 40.69 -10.97 31.98
N ALA H 1 54.35 7.26 15.73
CA ALA H 1 54.06 5.81 15.89
C ALA H 1 55.16 4.93 15.28
N ALA H 2 55.04 3.62 15.44
CA ALA H 2 55.99 2.68 14.88
C ALA H 2 55.95 2.64 13.34
N ASN H 3 54.75 2.79 12.78
CA ASN H 3 54.58 2.78 11.32
C ASN H 3 54.62 4.21 10.76
N ASP H 4 54.84 4.35 9.46
CA ASP H 4 54.90 5.66 8.81
C ASP H 4 53.52 6.31 8.63
N GLU H 5 53.50 7.62 8.40
CA GLU H 5 52.28 8.39 8.25
C GLU H 5 51.46 8.14 7.01
N ASN H 6 52.11 7.69 5.95
CA ASN H 6 51.39 7.44 4.71
C ASN H 6 51.73 6.09 4.11
N TYR H 7 50.69 5.30 3.84
CA TYR H 7 50.83 3.99 3.23
C TYR H 7 50.66 4.22 1.72
N ALA H 8 50.94 5.45 1.29
CA ALA H 8 50.80 5.87 -0.11
C ALA H 8 51.78 5.19 -1.04
N SER I 1 -3.49 21.08 -30.40
CA SER I 1 -4.43 20.63 -29.33
C SER I 1 -3.73 19.88 -28.19
N GLN I 2 -2.42 19.70 -28.33
CA GLN I 2 -1.61 19.05 -27.29
C GLN I 2 -0.63 20.11 -26.76
N LEU I 3 -1.16 20.90 -25.84
CA LEU I 3 -0.46 22.00 -25.21
C LEU I 3 0.09 21.56 -23.84
N THR I 4 -0.45 22.14 -22.77
CA THR I 4 -0.07 21.78 -21.40
C THR I 4 -1.38 21.80 -20.61
N PRO I 5 -1.50 20.94 -19.58
CA PRO I 5 -2.72 20.87 -18.77
C PRO I 5 -3.21 22.23 -18.31
N ARG I 6 -4.53 22.37 -18.18
CA ARG I 6 -5.07 23.64 -17.71
C ARG I 6 -5.26 23.58 -16.21
N ARG I 7 -5.37 22.36 -15.69
CA ARG I 7 -5.63 22.12 -14.27
C ARG I 7 -4.83 22.94 -13.28
N PRO I 8 -3.50 22.94 -13.40
CA PRO I 8 -2.76 23.73 -12.42
C PRO I 8 -3.21 25.20 -12.39
N TYR I 9 -3.60 25.71 -13.54
CA TYR I 9 -4.03 27.09 -13.62
C TYR I 9 -5.40 27.30 -12.99
N LEU I 10 -6.28 26.30 -13.10
CA LEU I 10 -7.62 26.41 -12.50
C LEU I 10 -7.54 26.34 -10.99
N LEU I 11 -6.68 25.47 -10.47
CA LEU I 11 -6.48 25.31 -9.03
C LEU I 11 -6.10 26.66 -8.45
N ARG I 12 -5.00 27.22 -8.95
CA ARG I 12 -4.56 28.52 -8.46
C ARG I 12 -5.74 29.45 -8.57
N ALA I 13 -6.46 29.36 -9.68
CA ALA I 13 -7.64 30.20 -9.89
C ALA I 13 -8.59 30.10 -8.72
N PHE I 14 -9.20 28.93 -8.55
CA PHE I 14 -10.15 28.72 -7.45
C PHE I 14 -9.61 28.98 -6.05
N TYR I 15 -8.38 28.55 -5.80
CA TYR I 15 -7.81 28.77 -4.49
C TYR I 15 -8.01 30.25 -4.19
N GLU I 16 -7.48 31.10 -5.05
CA GLU I 16 -7.59 32.55 -4.94
C GLU I 16 -9.04 32.93 -4.72
N TRP I 17 -9.88 32.55 -5.66
CA TRP I 17 -11.30 32.86 -5.58
C TRP I 17 -11.89 32.51 -4.23
N LEU I 18 -11.79 31.25 -3.82
CA LEU I 18 -12.34 30.84 -2.52
C LEU I 18 -11.84 31.76 -1.40
N LEU I 19 -10.53 32.03 -1.39
CA LEU I 19 -9.96 32.86 -0.35
C LEU I 19 -10.52 34.27 -0.36
N ASP I 20 -10.79 34.80 -1.54
CA ASP I 20 -11.34 36.13 -1.58
C ASP I 20 -12.83 36.12 -1.27
N ASN I 21 -13.35 34.96 -0.95
CA ASN I 21 -14.76 34.83 -0.60
C ASN I 21 -14.83 34.45 0.86
N GLN I 22 -13.66 34.44 1.48
CA GLN I 22 -13.52 34.10 2.88
C GLN I 22 -13.92 32.66 3.20
N LEU I 23 -13.50 31.72 2.36
CA LEU I 23 -13.80 30.31 2.56
C LEU I 23 -12.51 29.48 2.75
N THR I 24 -12.63 28.32 3.41
CA THR I 24 -11.48 27.45 3.65
C THR I 24 -11.38 26.42 2.52
N PRO I 25 -10.38 26.56 1.65
CA PRO I 25 -10.24 25.59 0.55
C PRO I 25 -9.63 24.26 1.01
N HIS I 26 -10.10 23.17 0.40
CA HIS I 26 -9.59 21.84 0.73
C HIS I 26 -9.23 21.16 -0.57
N LEU I 27 -8.24 20.29 -0.50
CA LEU I 27 -7.81 19.57 -1.70
C LEU I 27 -8.20 18.11 -1.58
N VAL I 28 -8.54 17.50 -2.71
CA VAL I 28 -8.94 16.09 -2.70
C VAL I 28 -7.95 15.32 -3.56
N VAL I 29 -7.22 14.43 -2.91
CA VAL I 29 -6.18 13.66 -3.56
C VAL I 29 -6.40 12.15 -3.70
N ASP I 30 -6.09 11.65 -4.89
CA ASP I 30 -6.15 10.23 -5.13
C ASP I 30 -4.76 9.70 -4.70
N VAL I 31 -4.62 9.39 -3.42
CA VAL I 31 -3.33 8.90 -2.91
C VAL I 31 -2.85 7.64 -3.64
N THR I 32 -3.64 7.17 -4.61
CA THR I 32 -3.33 5.97 -5.39
C THR I 32 -2.20 6.12 -6.39
N LEU I 33 -2.12 7.28 -7.05
CA LEU I 33 -1.08 7.52 -8.05
C LEU I 33 0.35 7.60 -7.52
N PRO I 34 1.33 7.36 -8.40
CA PRO I 34 2.74 7.41 -8.03
C PRO I 34 3.24 8.83 -7.89
N GLY I 35 4.09 9.07 -6.89
CA GLY I 35 4.64 10.39 -6.66
C GLY I 35 3.97 11.14 -5.54
N VAL I 36 2.90 10.56 -5.00
CA VAL I 36 2.16 11.18 -3.92
C VAL I 36 2.87 11.09 -2.58
N GLN I 37 3.00 12.24 -1.91
CA GLN I 37 3.68 12.28 -0.62
C GLN I 37 2.79 12.86 0.46
N VAL I 38 2.11 11.98 1.21
CA VAL I 38 1.23 12.38 2.29
C VAL I 38 1.18 11.31 3.37
N PRO I 39 0.83 11.68 4.61
CA PRO I 39 0.74 10.73 5.74
C PRO I 39 -0.39 9.73 5.50
N MET I 40 -0.14 8.72 4.65
CA MET I 40 -1.12 7.68 4.28
C MET I 40 -2.08 7.20 5.38
N GLU I 41 -1.60 7.16 6.61
CA GLU I 41 -2.44 6.72 7.70
C GLU I 41 -3.80 7.36 7.54
N TYR I 42 -3.80 8.64 7.23
CA TYR I 42 -5.03 9.42 7.07
C TYR I 42 -5.92 9.11 5.87
N ALA I 43 -5.39 8.47 4.84
CA ALA I 43 -6.17 8.12 3.66
C ALA I 43 -7.34 7.18 4.00
N ARG I 44 -8.41 7.26 3.22
CA ARG I 44 -9.60 6.41 3.43
C ARG I 44 -10.27 6.21 2.07
N ASP I 45 -10.41 4.97 1.65
CA ASP I 45 -11.00 4.67 0.37
C ASP I 45 -10.18 5.34 -0.73
N GLY I 46 -8.87 5.28 -0.58
CA GLY I 46 -7.96 5.81 -1.58
C GLY I 46 -7.92 7.31 -1.80
N GLN I 47 -8.45 8.08 -0.88
CA GLN I 47 -8.42 9.51 -1.06
C GLN I 47 -8.06 10.21 0.24
N ILE I 48 -7.59 11.45 0.11
CA ILE I 48 -7.18 12.25 1.26
C ILE I 48 -7.64 13.68 1.02
N VAL I 49 -8.06 14.35 2.09
CA VAL I 49 -8.49 15.72 1.97
C VAL I 49 -7.45 16.50 2.71
N LEU I 50 -7.13 17.67 2.20
CA LEU I 50 -6.13 18.49 2.81
C LEU I 50 -6.56 19.93 2.78
N ASN I 51 -6.74 20.47 3.98
CA ASN I 51 -7.12 21.86 4.19
C ASN I 51 -5.90 22.72 3.90
N ILE I 52 -5.80 23.23 2.68
CA ILE I 52 -4.67 24.06 2.29
C ILE I 52 -4.85 25.55 2.58
N ALA I 53 -5.80 25.88 3.43
CA ALA I 53 -6.03 27.27 3.79
C ALA I 53 -4.80 27.81 4.54
N PRO I 54 -4.36 29.03 4.20
CA PRO I 54 -3.19 29.69 4.82
C PRO I 54 -2.98 29.43 6.29
N ARG I 55 -4.04 29.56 7.09
CA ARG I 55 -3.98 29.33 8.54
C ARG I 55 -3.48 27.94 8.96
N ALA I 56 -3.51 26.97 8.06
CA ALA I 56 -3.12 25.62 8.42
C ALA I 56 -1.96 25.01 7.64
N VAL I 57 -1.21 25.84 6.92
CA VAL I 57 -0.13 25.31 6.13
C VAL I 57 1.10 26.22 6.12
N GLY I 58 2.21 25.68 5.65
CA GLY I 58 3.44 26.44 5.57
C GLY I 58 4.13 26.25 4.23
N ASN I 59 4.65 27.33 3.68
CA ASN I 59 5.35 27.28 2.40
C ASN I 59 4.54 26.59 1.32
N LEU I 60 3.25 26.90 1.23
CA LEU I 60 2.39 26.30 0.23
C LEU I 60 2.72 26.81 -1.16
N GLU I 61 3.18 25.92 -2.04
CA GLU I 61 3.45 26.33 -3.41
C GLU I 61 2.58 25.55 -4.37
N LEU I 62 1.62 26.24 -4.95
CA LEU I 62 0.74 25.62 -5.91
C LEU I 62 1.45 25.68 -7.26
N ALA I 63 2.47 24.84 -7.42
CA ALA I 63 3.24 24.79 -8.66
C ALA I 63 2.55 23.94 -9.71
N ASN I 64 2.98 24.07 -10.96
CA ASN I 64 2.35 23.34 -12.03
C ASN I 64 2.53 21.83 -12.05
N ASP I 65 3.69 21.36 -11.65
CA ASP I 65 3.98 19.93 -11.64
C ASP I 65 3.52 19.23 -10.38
N GLU I 66 3.62 19.93 -9.26
CA GLU I 66 3.18 19.34 -8.00
C GLU I 66 2.90 20.41 -6.97
N VAL I 67 2.04 20.05 -6.02
CA VAL I 67 1.65 20.93 -4.93
C VAL I 67 2.48 20.55 -3.71
N ARG I 68 3.13 21.53 -3.10
CA ARG I 68 3.97 21.29 -1.93
C ARG I 68 3.71 22.24 -0.77
N PHE I 69 3.72 21.66 0.42
CA PHE I 69 3.47 22.43 1.61
C PHE I 69 3.73 21.58 2.84
N ASN I 70 3.89 22.26 3.98
CA ASN I 70 4.10 21.61 5.25
C ASN I 70 2.78 21.72 5.99
N ALA I 71 2.59 20.90 7.00
CA ALA I 71 1.36 20.89 7.77
C ALA I 71 1.56 19.87 8.86
N ARG I 72 0.81 19.98 9.96
CA ARG I 72 0.92 19.03 11.05
C ARG I 72 -0.28 18.10 11.16
N PHE I 73 0.00 16.82 11.18
CA PHE I 73 -1.04 15.80 11.31
C PHE I 73 -0.73 15.23 12.70
N GLY I 74 -1.74 15.08 13.54
CA GLY I 74 -1.46 14.57 14.87
C GLY I 74 -0.44 15.43 15.59
N GLY I 75 -0.48 16.75 15.33
CA GLY I 75 0.42 17.68 15.98
C GLY I 75 1.86 17.71 15.52
N ILE I 76 2.28 16.68 14.80
CA ILE I 76 3.65 16.63 14.30
C ILE I 76 3.76 17.22 12.91
N PRO I 77 4.80 18.03 12.67
CA PRO I 77 5.01 18.65 11.36
C PRO I 77 5.14 17.57 10.29
N ARG I 78 5.31 17.98 9.03
CA ARG I 78 5.44 17.02 7.95
C ARG I 78 5.51 17.71 6.59
N GLN I 79 6.24 17.11 5.66
CA GLN I 79 6.37 17.66 4.32
C GLN I 79 5.46 16.89 3.37
N VAL I 80 4.70 17.62 2.58
CA VAL I 80 3.79 17.00 1.63
C VAL I 80 4.14 17.34 0.17
N SER I 81 3.81 16.41 -0.73
CA SER I 81 4.04 16.59 -2.15
C SER I 81 2.94 15.84 -2.85
N VAL I 82 2.23 16.54 -3.72
CA VAL I 82 1.16 15.92 -4.47
C VAL I 82 1.34 16.29 -5.94
N PRO I 83 1.50 15.28 -6.80
CA PRO I 83 1.68 15.52 -8.23
C PRO I 83 0.37 16.10 -8.77
N LEU I 84 0.46 17.07 -9.66
CA LEU I 84 -0.75 17.68 -10.21
C LEU I 84 -1.81 16.72 -10.74
N ALA I 85 -1.38 15.62 -11.34
CA ALA I 85 -2.33 14.66 -11.90
C ALA I 85 -2.97 13.73 -10.86
N ALA I 86 -2.83 14.06 -9.57
CA ALA I 86 -3.43 13.26 -8.50
C ALA I 86 -4.51 14.10 -7.82
N VAL I 87 -4.52 15.38 -8.14
CA VAL I 87 -5.50 16.30 -7.56
C VAL I 87 -6.89 16.04 -8.13
N LEU I 88 -7.80 15.66 -7.27
CA LEU I 88 -9.14 15.37 -7.71
C LEU I 88 -10.04 16.60 -7.85
N ALA I 89 -10.01 17.49 -6.85
CA ALA I 89 -10.83 18.69 -6.87
C ALA I 89 -10.47 19.62 -5.73
N ILE I 90 -11.01 20.83 -5.80
CA ILE I 90 -10.77 21.81 -4.76
C ILE I 90 -12.14 22.39 -4.45
N TYR I 91 -12.45 22.48 -3.16
CA TYR I 91 -13.74 22.97 -2.72
C TYR I 91 -13.67 23.73 -1.39
N ALA I 92 -14.73 24.49 -1.09
CA ALA I 92 -14.82 25.26 0.16
C ALA I 92 -15.56 24.44 1.21
N ARG I 93 -14.95 24.30 2.37
CA ARG I 93 -15.53 23.56 3.47
C ARG I 93 -16.90 24.08 3.91
N GLU I 94 -17.05 25.40 3.99
CA GLU I 94 -18.33 25.95 4.42
C GLU I 94 -19.52 25.78 3.49
N ASN I 95 -19.33 25.32 2.26
CA ASN I 95 -20.51 25.18 1.39
C ASN I 95 -20.36 24.34 0.13
N GLY I 96 -19.23 23.67 -0.02
CA GLY I 96 -19.04 22.87 -1.22
C GLY I 96 -18.68 23.62 -2.49
N ALA I 97 -18.68 24.95 -2.45
CA ALA I 97 -18.32 25.72 -3.64
C ALA I 97 -16.97 25.25 -4.14
N GLY I 98 -16.81 25.13 -5.45
CA GLY I 98 -15.52 24.69 -5.95
C GLY I 98 -15.57 24.01 -7.29
N THR I 99 -14.79 22.95 -7.47
CA THR I 99 -14.79 22.26 -8.74
C THR I 99 -14.08 20.89 -8.72
N MET I 100 -14.56 19.96 -9.54
CA MET I 100 -13.95 18.64 -9.65
C MET I 100 -13.26 18.62 -10.99
N PHE I 101 -11.94 18.60 -10.94
CA PHE I 101 -11.13 18.63 -12.14
C PHE I 101 -11.42 17.56 -13.17
N GLU I 102 -11.69 18.01 -14.39
CA GLU I 102 -11.97 17.13 -15.51
C GLU I 102 -10.66 16.52 -15.96
N PRO I 103 -10.71 15.29 -16.46
CA PRO I 103 -9.52 14.58 -16.94
C PRO I 103 -8.83 15.32 -18.08
N GLU I 104 -7.53 15.10 -18.22
CA GLU I 104 -6.76 15.73 -19.30
C GLU I 104 -5.65 14.79 -19.78
N ALA I 105 -5.52 14.71 -21.10
CA ALA I 105 -4.53 13.86 -21.75
C ALA I 105 -3.15 13.93 -21.12
N ALA I 106 -2.58 15.13 -21.09
CA ALA I 106 -1.25 15.36 -20.53
C ALA I 106 -1.00 14.54 -19.26
N TYR I 107 -2.05 14.43 -18.45
CA TYR I 107 -2.01 13.69 -17.20
C TYR I 107 -2.38 12.23 -17.46
N ASP I 108 -1.67 11.61 -18.41
CA ASP I 108 -1.91 10.21 -18.77
C ASP I 108 -3.36 9.94 -19.17
N ALA J 1 -10.37 17.83 7.86
CA ALA J 1 -9.34 17.32 6.92
C ALA J 1 -8.33 16.42 7.65
N ALA J 2 -7.41 15.84 6.90
CA ALA J 2 -6.39 14.97 7.47
C ALA J 2 -5.43 15.74 8.37
N ASN J 3 -5.02 16.93 7.94
CA ASN J 3 -4.09 17.75 8.71
C ASN J 3 -4.84 18.65 9.69
N ASP J 4 -4.13 19.19 10.68
CA ASP J 4 -4.75 20.07 11.67
C ASP J 4 -5.09 21.46 11.11
N GLU J 5 -5.96 22.16 11.82
CA GLU J 5 -6.39 23.49 11.40
C GLU J 5 -5.33 24.58 11.48
N ASN J 6 -4.35 24.41 12.36
CA ASN J 6 -3.30 25.42 12.53
C ASN J 6 -1.91 24.85 12.51
N TYR J 7 -1.06 25.43 11.64
CA TYR J 7 0.33 25.02 11.55
C TYR J 7 1.12 26.00 12.43
N ALA J 8 0.47 26.51 13.48
CA ALA J 8 1.08 27.46 14.42
C ALA J 8 2.13 26.79 15.31
N SER K 1 -25.80 32.63 -0.10
CA SER K 1 -25.09 31.85 -1.15
C SER K 1 -24.81 32.70 -2.40
N GLN K 2 -24.36 33.92 -2.14
CA GLN K 2 -24.01 34.85 -3.20
C GLN K 2 -22.50 35.08 -3.07
N LEU K 3 -21.74 34.56 -4.03
CA LEU K 3 -20.29 34.69 -4.01
C LEU K 3 -19.83 35.50 -5.22
N THR K 4 -18.71 36.22 -5.07
CA THR K 4 -18.17 37.01 -6.15
C THR K 4 -18.02 36.22 -7.46
N PRO K 5 -18.32 36.84 -8.60
CA PRO K 5 -18.21 36.20 -9.91
C PRO K 5 -16.86 35.57 -10.16
N ARG K 6 -16.86 34.34 -10.69
CA ARG K 6 -15.63 33.62 -10.98
C ARG K 6 -14.90 34.17 -12.21
N ARG K 7 -15.66 34.70 -13.16
CA ARG K 7 -15.11 35.22 -14.41
C ARG K 7 -13.67 35.77 -14.42
N PRO K 8 -13.39 36.84 -13.65
CA PRO K 8 -12.05 37.43 -13.59
C PRO K 8 -10.93 36.52 -13.11
N TYR K 9 -11.27 35.46 -12.38
CA TYR K 9 -10.23 34.55 -11.93
C TYR K 9 -9.83 33.65 -13.09
N LEU K 10 -10.82 33.12 -13.78
CA LEU K 10 -10.55 32.24 -14.90
C LEU K 10 -9.99 33.04 -16.07
N LEU K 11 -10.28 34.33 -16.09
CA LEU K 11 -9.78 35.13 -17.21
C LEU K 11 -8.28 35.20 -17.07
N ARG K 12 -7.82 35.33 -15.83
CA ARG K 12 -6.39 35.40 -15.57
C ARG K 12 -5.81 34.00 -15.73
N ALA K 13 -6.56 32.99 -15.33
CA ALA K 13 -6.09 31.62 -15.42
C ALA K 13 -5.80 31.26 -16.87
N PHE K 14 -6.65 31.69 -17.79
CA PHE K 14 -6.42 31.37 -19.19
C PHE K 14 -5.35 32.26 -19.81
N TYR K 15 -5.17 33.47 -19.28
CA TYR K 15 -4.14 34.38 -19.80
C TYR K 15 -2.80 33.67 -19.61
N GLU K 16 -2.43 33.46 -18.35
CA GLU K 16 -1.17 32.80 -17.98
C GLU K 16 -0.98 31.53 -18.82
N TRP K 17 -1.99 30.68 -18.82
CA TRP K 17 -1.92 29.45 -19.59
C TRP K 17 -1.50 29.74 -21.02
N LEU K 18 -2.32 30.46 -21.76
CA LEU K 18 -2.03 30.77 -23.14
C LEU K 18 -0.62 31.30 -23.36
N LEU K 19 -0.16 32.17 -22.46
CA LEU K 19 1.20 32.71 -22.57
C LEU K 19 2.24 31.63 -22.35
N ASP K 20 2.02 30.77 -21.37
CA ASP K 20 2.94 29.69 -21.08
C ASP K 20 3.01 28.67 -22.20
N ASN K 21 2.13 28.81 -23.20
CA ASN K 21 2.16 27.88 -24.32
C ASN K 21 2.63 28.62 -25.54
N GLN K 22 3.26 29.75 -25.27
CA GLN K 22 3.80 30.60 -26.32
C GLN K 22 2.67 30.95 -27.27
N LEU K 23 1.53 31.35 -26.70
CA LEU K 23 0.39 31.70 -27.51
C LEU K 23 0.02 33.15 -27.34
N THR K 24 -0.95 33.59 -28.13
CA THR K 24 -1.38 34.99 -28.10
C THR K 24 -2.78 35.22 -27.61
N PRO K 25 -2.91 35.62 -26.34
CA PRO K 25 -4.20 35.89 -25.72
C PRO K 25 -4.98 37.06 -26.36
N HIS K 26 -6.14 36.74 -26.92
CA HIS K 26 -7.03 37.71 -27.57
C HIS K 26 -8.36 37.72 -26.82
N LEU K 27 -8.82 38.92 -26.45
CA LEU K 27 -10.06 39.11 -25.72
C LEU K 27 -11.25 39.47 -26.65
N VAL K 28 -12.45 39.01 -26.30
CA VAL K 28 -13.65 39.34 -27.08
C VAL K 28 -14.66 40.04 -26.17
N VAL K 29 -14.91 41.32 -26.46
CA VAL K 29 -15.81 42.11 -25.64
C VAL K 29 -17.09 42.54 -26.32
N ASP K 30 -18.11 42.81 -25.52
CA ASP K 30 -19.39 43.27 -26.02
C ASP K 30 -19.39 44.77 -25.80
N VAL K 31 -19.28 45.54 -26.87
CA VAL K 31 -19.27 47.00 -26.75
C VAL K 31 -20.66 47.56 -26.46
N THR K 32 -21.70 46.75 -26.71
CA THR K 32 -23.10 47.15 -26.47
C THR K 32 -23.43 47.33 -25.00
N LEU K 33 -22.52 46.89 -24.14
CA LEU K 33 -22.74 47.04 -22.72
C LEU K 33 -22.28 48.37 -22.19
N PRO K 34 -22.82 48.78 -21.04
CA PRO K 34 -22.47 50.04 -20.39
C PRO K 34 -21.10 50.03 -19.70
N GLY K 35 -20.48 51.21 -19.63
CA GLY K 35 -19.18 51.35 -18.99
C GLY K 35 -17.99 50.89 -19.81
N VAL K 36 -18.24 50.43 -21.03
CA VAL K 36 -17.18 49.96 -21.93
C VAL K 36 -16.45 51.11 -22.61
N GLN K 37 -15.14 51.16 -22.43
CA GLN K 37 -14.32 52.22 -23.02
C GLN K 37 -13.35 51.74 -24.10
N VAL K 38 -13.77 51.86 -25.36
CA VAL K 38 -12.94 51.43 -26.50
C VAL K 38 -13.20 52.26 -27.76
N PRO K 39 -12.26 52.22 -28.73
CA PRO K 39 -12.43 52.97 -29.98
C PRO K 39 -13.57 52.32 -30.78
N MET K 40 -14.80 52.72 -30.45
CA MET K 40 -16.02 52.18 -31.06
C MET K 40 -16.05 51.98 -32.58
N GLU K 41 -15.40 52.87 -33.32
CA GLU K 41 -15.37 52.74 -34.77
C GLU K 41 -14.74 51.40 -35.16
N TYR K 42 -14.04 50.78 -34.21
CA TYR K 42 -13.38 49.51 -34.45
C TYR K 42 -14.29 48.31 -34.26
N ALA K 43 -15.32 48.45 -33.44
CA ALA K 43 -16.24 47.35 -33.17
C ALA K 43 -17.18 47.04 -34.35
N ARG K 44 -17.32 45.74 -34.64
CA ARG K 44 -18.19 45.26 -35.72
C ARG K 44 -19.30 44.41 -35.11
N ASP K 45 -20.55 44.69 -35.49
CA ASP K 45 -21.71 43.94 -35.00
C ASP K 45 -21.84 43.97 -33.48
N GLY K 46 -21.55 45.13 -32.88
CA GLY K 46 -21.64 45.25 -31.44
C GLY K 46 -20.59 44.43 -30.70
N GLN K 47 -19.44 44.25 -31.34
CA GLN K 47 -18.32 43.51 -30.74
C GLN K 47 -16.99 43.98 -31.29
N ILE K 48 -15.96 43.77 -30.50
CA ILE K 48 -14.60 44.12 -30.86
C ILE K 48 -13.66 43.08 -30.25
N VAL K 49 -12.53 42.81 -30.90
CA VAL K 49 -11.57 41.84 -30.39
C VAL K 49 -10.32 42.63 -30.04
N LEU K 50 -9.55 42.12 -29.09
CA LEU K 50 -8.36 42.83 -28.68
C LEU K 50 -7.20 41.90 -28.34
N ASN K 51 -6.02 42.27 -28.80
CA ASN K 51 -4.86 41.49 -28.49
C ASN K 51 -4.35 42.03 -27.16
N ILE K 52 -4.37 41.20 -26.12
CA ILE K 52 -3.90 41.68 -24.84
C ILE K 52 -2.65 40.92 -24.40
N ALA K 53 -1.89 40.49 -25.39
CA ALA K 53 -0.63 39.81 -25.12
C ALA K 53 0.28 40.90 -24.56
N PRO K 54 1.36 40.51 -23.89
CA PRO K 54 2.34 41.43 -23.28
C PRO K 54 3.07 42.48 -24.14
N ARG K 55 3.31 42.20 -25.42
CA ARG K 55 4.04 43.18 -26.22
C ARG K 55 3.17 44.10 -27.09
N ALA K 56 1.85 43.88 -27.06
CA ALA K 56 0.90 44.67 -27.86
C ALA K 56 0.11 45.61 -26.98
N VAL K 57 0.26 45.42 -25.68
CA VAL K 57 -0.46 46.21 -24.71
C VAL K 57 0.47 46.82 -23.65
N GLY K 58 0.00 47.90 -23.05
CA GLY K 58 0.76 48.57 -22.00
C GLY K 58 -0.02 48.60 -20.70
N ASN K 59 0.66 48.18 -19.63
CA ASN K 59 0.05 48.17 -18.30
C ASN K 59 -1.22 47.33 -18.19
N LEU K 60 -1.17 46.11 -18.74
CA LEU K 60 -2.33 45.23 -18.69
C LEU K 60 -2.67 45.14 -17.21
N GLU K 61 -3.96 45.17 -16.90
CA GLU K 61 -4.42 45.11 -15.53
C GLU K 61 -5.70 44.29 -15.51
N LEU K 62 -5.61 43.10 -14.94
CA LEU K 62 -6.78 42.26 -14.89
C LEU K 62 -7.46 42.29 -13.51
N ALA K 63 -8.25 43.34 -13.27
CA ALA K 63 -8.96 43.52 -12.01
C ALA K 63 -10.25 42.71 -12.11
N ASN K 64 -10.87 42.42 -10.98
CA ASN K 64 -12.09 41.61 -10.98
C ASN K 64 -13.29 42.37 -11.45
N ASP K 65 -13.13 43.69 -11.55
CA ASP K 65 -14.20 44.56 -11.98
C ASP K 65 -13.97 45.01 -13.41
N GLU K 66 -12.70 45.05 -13.82
CA GLU K 66 -12.37 45.48 -15.17
C GLU K 66 -10.95 45.25 -15.65
N VAL K 67 -10.82 45.15 -16.97
CA VAL K 67 -9.55 44.97 -17.63
C VAL K 67 -9.18 46.33 -18.19
N ARG K 68 -8.03 46.85 -17.79
CA ARG K 68 -7.57 48.15 -18.27
C ARG K 68 -6.18 47.96 -18.81
N PHE K 69 -5.84 48.74 -19.82
CA PHE K 69 -4.52 48.65 -20.44
C PHE K 69 -4.47 49.70 -21.52
N ASN K 70 -3.32 49.89 -22.12
CA ASN K 70 -3.20 50.85 -23.20
C ASN K 70 -2.72 50.14 -24.45
N ALA K 71 -3.58 50.09 -25.47
CA ALA K 71 -3.18 49.44 -26.72
C ALA K 71 -2.84 50.55 -27.71
N ARG K 72 -2.84 50.21 -28.99
CA ARG K 72 -2.57 51.19 -30.04
C ARG K 72 -3.45 50.85 -31.22
N PHE K 73 -4.25 51.81 -31.65
CA PHE K 73 -5.13 51.57 -32.79
C PHE K 73 -4.66 52.42 -33.96
N GLY K 74 -4.22 51.75 -35.02
CA GLY K 74 -3.71 52.47 -36.16
C GLY K 74 -2.58 53.38 -35.69
N GLY K 75 -1.72 52.85 -34.83
CA GLY K 75 -0.60 53.62 -34.31
C GLY K 75 -0.89 54.58 -33.18
N ILE K 76 -2.15 54.88 -32.95
CA ILE K 76 -2.48 55.84 -31.90
C ILE K 76 -2.65 55.19 -30.53
N PRO K 77 -1.88 55.68 -29.55
CA PRO K 77 -1.97 55.14 -28.19
C PRO K 77 -3.25 55.53 -27.49
N ARG K 78 -4.03 54.52 -27.12
CA ARG K 78 -5.27 54.78 -26.41
C ARG K 78 -5.51 53.79 -25.28
N GLN K 79 -5.93 54.34 -24.16
CA GLN K 79 -6.23 53.55 -22.99
C GLN K 79 -7.54 52.80 -23.25
N VAL K 80 -7.64 51.59 -22.71
CA VAL K 80 -8.83 50.79 -22.89
C VAL K 80 -9.30 50.35 -21.52
N SER K 81 -10.60 50.41 -21.30
CA SER K 81 -11.18 50.01 -20.02
C SER K 81 -12.41 49.15 -20.29
N VAL K 82 -12.43 47.94 -19.75
CA VAL K 82 -13.58 47.07 -19.98
C VAL K 82 -14.08 46.32 -18.76
N PRO K 83 -15.41 46.40 -18.51
CA PRO K 83 -16.12 45.76 -17.39
C PRO K 83 -16.14 44.25 -17.58
N LEU K 84 -15.93 43.51 -16.50
CA LEU K 84 -15.93 42.06 -16.61
C LEU K 84 -17.23 41.49 -17.18
N ALA K 85 -18.31 42.24 -17.03
CA ALA K 85 -19.59 41.83 -17.55
C ALA K 85 -19.50 41.71 -19.06
N ALA K 86 -18.73 42.61 -19.67
CA ALA K 86 -18.56 42.67 -21.11
C ALA K 86 -17.64 41.63 -21.74
N VAL K 87 -16.74 41.06 -20.96
CA VAL K 87 -15.82 40.06 -21.52
C VAL K 87 -16.51 38.74 -21.89
N LEU K 88 -16.57 38.42 -23.18
CA LEU K 88 -17.20 37.17 -23.64
C LEU K 88 -16.26 35.99 -23.76
N ALA K 89 -15.05 36.24 -24.24
CA ALA K 89 -14.10 35.12 -24.37
C ALA K 89 -12.62 35.50 -24.43
N ILE K 90 -11.77 34.49 -24.24
CA ILE K 90 -10.32 34.64 -24.32
C ILE K 90 -9.89 33.43 -25.14
N TYR K 91 -8.91 33.59 -26.03
CA TYR K 91 -8.48 32.46 -26.84
C TYR K 91 -7.21 32.77 -27.62
N ALA K 92 -6.55 31.72 -28.09
CA ALA K 92 -5.32 31.86 -28.85
C ALA K 92 -5.56 32.38 -30.27
N ARG K 93 -4.72 33.33 -30.71
CA ARG K 93 -4.83 33.87 -32.06
C ARG K 93 -4.72 32.68 -32.97
N GLU K 94 -3.62 31.96 -32.83
CA GLU K 94 -3.37 30.77 -33.62
C GLU K 94 -4.40 29.66 -33.40
N ASN K 95 -3.95 28.53 -32.88
CA ASN K 95 -4.84 27.39 -32.66
C ASN K 95 -6.23 27.77 -32.18
N GLY K 96 -6.38 28.88 -31.45
CA GLY K 96 -7.71 29.24 -31.01
C GLY K 96 -8.28 28.55 -29.77
N ALA K 97 -7.40 28.04 -28.91
CA ALA K 97 -7.86 27.38 -27.70
C ALA K 97 -8.20 28.49 -26.71
N GLY K 98 -9.13 28.22 -25.80
CA GLY K 98 -9.52 29.22 -24.83
C GLY K 98 -10.86 28.83 -24.21
N THR K 99 -11.65 29.82 -23.83
CA THR K 99 -12.94 29.53 -23.22
C THR K 99 -13.93 30.68 -23.33
N MET K 100 -15.19 30.32 -23.45
CA MET K 100 -16.25 31.30 -23.52
C MET K 100 -16.70 31.40 -22.06
N PHE K 101 -17.05 32.60 -21.59
CA PHE K 101 -17.43 32.71 -20.19
C PHE K 101 -18.93 32.54 -19.90
N GLU K 102 -19.23 31.60 -18.99
CA GLU K 102 -20.61 31.32 -18.60
C GLU K 102 -21.23 32.52 -17.93
N PRO K 103 -22.54 32.72 -18.10
CA PRO K 103 -23.16 33.88 -17.45
C PRO K 103 -23.11 33.76 -15.92
N GLU K 104 -23.07 34.89 -15.24
CA GLU K 104 -23.04 34.92 -13.78
C GLU K 104 -23.99 35.98 -13.24
N ALA K 105 -24.69 35.62 -12.17
CA ALA K 105 -25.68 36.48 -11.54
C ALA K 105 -25.26 37.93 -11.28
N ALA K 106 -23.96 38.17 -11.17
CA ALA K 106 -23.51 39.53 -10.90
C ALA K 106 -23.62 40.43 -12.10
N TYR K 107 -23.57 39.84 -13.28
CA TYR K 107 -23.64 40.59 -14.52
C TYR K 107 -25.06 40.57 -15.11
N ASP K 108 -26.04 40.94 -14.28
CA ASP K 108 -27.43 40.94 -14.71
C ASP K 108 -27.88 39.51 -15.00
N ALA L 1 -6.70 41.64 -34.58
CA ALA L 1 -7.49 42.40 -33.56
C ALA L 1 -7.59 43.87 -33.94
N ALA L 2 -8.39 44.62 -33.17
CA ALA L 2 -8.59 46.03 -33.44
C ALA L 2 -7.34 46.86 -33.17
N ASN L 3 -6.55 46.45 -32.18
CA ASN L 3 -5.32 47.17 -31.84
C ASN L 3 -4.13 46.55 -32.54
N ASP L 4 -3.02 47.30 -32.61
CA ASP L 4 -1.79 46.81 -33.24
C ASP L 4 -1.04 45.77 -32.42
N GLU L 5 -0.19 45.00 -33.09
CA GLU L 5 0.59 43.93 -32.47
C GLU L 5 1.65 44.35 -31.50
N ASN L 6 2.14 45.57 -31.65
CA ASN L 6 3.18 46.05 -30.75
C ASN L 6 2.94 47.44 -30.21
N TYR L 7 2.94 47.57 -28.89
CA TYR L 7 2.75 48.85 -28.23
C TYR L 7 4.16 49.43 -28.03
N ALA L 8 5.10 48.99 -28.86
CA ALA L 8 6.49 49.44 -28.78
C ALA L 8 6.66 50.91 -29.14
N SER M 1 -50.14 4.36 -2.86
CA SER M 1 -51.23 3.98 -3.82
C SER M 1 -52.05 5.21 -4.26
N GLN M 2 -51.82 6.33 -3.60
CA GLN M 2 -52.55 7.56 -3.92
C GLN M 2 -51.60 8.52 -4.66
N LEU M 3 -50.83 7.97 -5.59
CA LEU M 3 -49.89 8.73 -6.39
C LEU M 3 -50.33 8.59 -7.83
N THR M 4 -49.60 9.21 -8.75
CA THR M 4 -49.93 9.14 -10.17
C THR M 4 -49.64 7.77 -10.81
N PRO M 5 -50.42 7.41 -11.84
CA PRO M 5 -50.29 6.14 -12.57
C PRO M 5 -48.90 6.02 -13.21
N ARG M 6 -48.41 4.80 -13.35
CA ARG M 6 -47.09 4.58 -13.93
C ARG M 6 -47.15 4.25 -15.42
N ARG M 7 -48.35 4.13 -15.96
CA ARG M 7 -48.51 3.75 -17.37
C ARG M 7 -47.84 4.61 -18.42
N PRO M 8 -48.12 5.92 -18.42
CA PRO M 8 -47.45 6.72 -19.45
C PRO M 8 -45.93 6.68 -19.32
N TYR M 9 -45.44 6.44 -18.11
CA TYR M 9 -44.00 6.36 -17.87
C TYR M 9 -43.45 5.08 -18.44
N LEU M 10 -44.15 3.98 -18.21
CA LEU M 10 -43.72 2.71 -18.76
C LEU M 10 -43.85 2.77 -20.29
N LEU M 11 -44.95 3.38 -20.75
CA LEU M 11 -45.21 3.50 -22.17
C LEU M 11 -44.07 4.20 -22.86
N ARG M 12 -43.62 5.31 -22.29
CA ARG M 12 -42.53 6.05 -22.90
C ARG M 12 -41.26 5.23 -22.81
N ALA M 13 -41.06 4.53 -21.70
CA ALA M 13 -39.87 3.70 -21.54
C ALA M 13 -39.82 2.63 -22.63
N PHE M 14 -40.90 1.85 -22.76
CA PHE M 14 -40.93 0.82 -23.78
C PHE M 14 -40.87 1.34 -25.19
N TYR M 15 -41.28 2.60 -25.38
CA TYR M 15 -41.28 3.22 -26.70
C TYR M 15 -39.85 3.52 -27.12
N GLU M 16 -39.08 4.07 -26.18
CA GLU M 16 -37.69 4.40 -26.42
C GLU M 16 -36.90 3.10 -26.57
N TRP M 17 -37.25 2.11 -25.75
CA TRP M 17 -36.60 0.81 -25.76
C TRP M 17 -36.77 0.06 -27.08
N LEU M 18 -38.01 -0.08 -27.53
CA LEU M 18 -38.24 -0.79 -28.77
C LEU M 18 -37.52 -0.12 -29.93
N LEU M 19 -37.53 1.21 -29.96
CA LEU M 19 -36.86 1.93 -31.03
C LEU M 19 -35.38 1.69 -31.00
N ASP M 20 -34.78 1.73 -29.81
CA ASP M 20 -33.35 1.52 -29.68
C ASP M 20 -32.93 0.19 -30.27
N ASN M 21 -33.80 -0.82 -30.19
CA ASN M 21 -33.52 -2.15 -30.74
C ASN M 21 -33.92 -2.26 -32.22
N GLN M 22 -34.18 -1.10 -32.83
CA GLN M 22 -34.58 -1.01 -34.23
C GLN M 22 -35.88 -1.73 -34.55
N LEU M 23 -36.90 -1.59 -33.70
CA LEU M 23 -38.18 -2.25 -33.95
C LEU M 23 -39.32 -1.25 -34.24
N THR M 24 -40.52 -1.77 -34.52
CA THR M 24 -41.67 -0.91 -34.83
C THR M 24 -42.76 -0.95 -33.74
N PRO M 25 -42.86 0.12 -32.93
CA PRO M 25 -43.87 0.16 -31.87
C PRO M 25 -45.32 0.37 -32.35
N HIS M 26 -46.20 -0.47 -31.81
CA HIS M 26 -47.63 -0.44 -32.10
C HIS M 26 -48.32 -0.32 -30.75
N LEU M 27 -49.53 0.22 -30.77
CA LEU M 27 -50.27 0.43 -29.54
C LEU M 27 -51.64 -0.21 -29.71
N VAL M 28 -52.21 -0.75 -28.64
CA VAL M 28 -53.55 -1.33 -28.71
C VAL M 28 -54.42 -0.50 -27.79
N VAL M 29 -55.37 0.20 -28.39
CA VAL M 29 -56.28 1.11 -27.68
C VAL M 29 -57.71 0.59 -27.61
N ASP M 30 -58.36 0.83 -26.47
CA ASP M 30 -59.76 0.42 -26.27
C ASP M 30 -60.70 1.55 -26.68
N VAL M 31 -61.22 1.46 -27.90
CA VAL M 31 -62.11 2.47 -28.47
C VAL M 31 -63.38 2.73 -27.67
N THR M 32 -63.75 1.73 -26.88
CA THR M 32 -64.92 1.78 -26.01
C THR M 32 -64.96 2.97 -25.05
N LEU M 33 -63.88 3.10 -24.28
CA LEU M 33 -63.77 4.16 -23.28
C LEU M 33 -64.08 5.56 -23.78
N PRO M 34 -64.47 6.46 -22.86
CA PRO M 34 -64.82 7.85 -23.15
C PRO M 34 -63.59 8.69 -23.43
N GLY M 35 -63.73 9.62 -24.37
CA GLY M 35 -62.64 10.50 -24.73
C GLY M 35 -61.87 10.04 -25.94
N VAL M 36 -62.04 8.79 -26.35
CA VAL M 36 -61.29 8.30 -27.49
C VAL M 36 -61.64 8.94 -28.82
N GLN M 37 -60.63 9.50 -29.47
CA GLN M 37 -60.82 10.11 -30.76
C GLN M 37 -59.98 9.35 -31.78
N VAL M 38 -60.67 8.49 -32.54
CA VAL M 38 -60.05 7.71 -33.61
C VAL M 38 -61.05 7.42 -34.73
N PRO M 39 -60.54 7.06 -35.92
CA PRO M 39 -61.37 6.75 -37.07
C PRO M 39 -62.07 5.41 -36.77
N MET M 40 -63.06 5.45 -35.89
CA MET M 40 -63.80 4.27 -35.45
C MET M 40 -64.11 3.14 -36.44
N GLU M 41 -64.24 3.43 -37.72
CA GLU M 41 -64.54 2.34 -38.64
C GLU M 41 -63.37 1.38 -38.77
N TYR M 42 -62.20 1.74 -38.27
CA TYR M 42 -61.05 0.85 -38.35
C TYR M 42 -60.95 -0.09 -37.17
N ALA M 43 -61.62 0.27 -36.08
CA ALA M 43 -61.58 -0.58 -34.90
C ALA M 43 -62.29 -1.90 -35.18
N ARG M 44 -61.74 -2.97 -34.61
CA ARG M 44 -62.29 -4.30 -34.79
C ARG M 44 -62.50 -4.93 -33.40
N ASP M 45 -63.72 -5.35 -33.12
CA ASP M 45 -64.08 -5.96 -31.85
C ASP M 45 -63.76 -5.07 -30.66
N GLY M 46 -64.12 -3.79 -30.77
CA GLY M 46 -63.92 -2.84 -29.70
C GLY M 46 -62.52 -2.32 -29.50
N GLN M 47 -61.60 -2.66 -30.38
CA GLN M 47 -60.22 -2.21 -30.24
C GLN M 47 -59.60 -1.87 -31.58
N ILE M 48 -58.56 -1.03 -31.54
CA ILE M 48 -57.86 -0.57 -32.74
C ILE M 48 -56.34 -0.56 -32.47
N VAL M 49 -55.56 -0.85 -33.51
CA VAL M 49 -54.10 -0.88 -33.40
C VAL M 49 -53.50 0.31 -34.12
N LEU M 50 -52.64 1.05 -33.42
CA LEU M 50 -52.02 2.23 -34.00
C LEU M 50 -50.50 2.08 -34.06
N ASN M 51 -49.96 2.29 -35.26
CA ASN M 51 -48.52 2.21 -35.49
C ASN M 51 -47.91 3.57 -35.22
N ILE M 52 -47.40 3.74 -34.00
CA ILE M 52 -46.80 5.01 -33.57
C ILE M 52 -45.29 5.12 -33.84
N ALA M 53 -44.81 4.33 -34.79
CA ALA M 53 -43.41 4.37 -35.16
C ALA M 53 -43.11 5.74 -35.77
N PRO M 54 -41.88 6.21 -35.65
CA PRO M 54 -41.50 7.51 -36.21
C PRO M 54 -42.05 7.88 -37.59
N ARG M 55 -41.85 7.03 -38.59
CA ARG M 55 -42.32 7.35 -39.95
C ARG M 55 -43.84 7.25 -40.24
N ALA M 56 -44.60 6.65 -39.33
CA ALA M 56 -46.04 6.45 -39.48
C ALA M 56 -46.91 7.53 -38.83
N VAL M 57 -46.26 8.44 -38.11
CA VAL M 57 -46.97 9.50 -37.41
C VAL M 57 -46.39 10.90 -37.61
N GLY M 58 -47.04 11.89 -36.99
CA GLY M 58 -46.62 13.28 -37.06
C GLY M 58 -46.85 13.88 -35.69
N ASN M 59 -46.00 14.82 -35.28
CA ASN M 59 -46.11 15.45 -33.96
C ASN M 59 -46.59 14.44 -32.95
N LEU M 60 -45.84 13.37 -32.73
CA LEU M 60 -46.27 12.38 -31.75
C LEU M 60 -46.06 12.91 -30.35
N GLU M 61 -47.10 12.84 -29.52
CA GLU M 61 -47.01 13.27 -28.14
C GLU M 61 -47.33 12.10 -27.22
N LEU M 62 -46.42 11.79 -26.31
CA LEU M 62 -46.65 10.71 -25.38
C LEU M 62 -46.85 11.30 -23.99
N ALA M 63 -47.91 12.09 -23.86
CA ALA M 63 -48.23 12.75 -22.62
C ALA M 63 -48.77 11.79 -21.56
N ASN M 64 -48.88 12.29 -20.34
CA ASN M 64 -49.37 11.48 -19.25
C ASN M 64 -50.86 11.35 -19.27
N ASP M 65 -51.55 12.40 -19.71
CA ASP M 65 -53.01 12.40 -19.74
C ASP M 65 -53.65 11.81 -20.99
N GLU M 66 -53.06 12.03 -22.16
CA GLU M 66 -53.58 11.46 -23.40
C GLU M 66 -52.49 11.42 -24.48
N VAL M 67 -52.53 10.37 -25.31
CA VAL M 67 -51.57 10.20 -26.39
C VAL M 67 -52.10 10.91 -27.62
N ARG M 68 -51.26 11.78 -28.20
CA ARG M 68 -51.65 12.56 -29.37
C ARG M 68 -50.64 12.49 -30.52
N PHE M 69 -51.16 12.39 -31.74
CA PHE M 69 -50.35 12.33 -32.94
C PHE M 69 -51.24 12.37 -34.20
N ASN M 70 -50.61 12.76 -35.32
CA ASN M 70 -51.23 12.80 -36.64
C ASN M 70 -50.96 11.46 -37.31
N ALA M 71 -51.62 11.21 -38.43
CA ALA M 71 -51.43 9.96 -39.14
C ALA M 71 -52.53 9.82 -40.17
N ARG M 72 -52.17 9.25 -41.32
CA ARG M 72 -53.14 9.06 -42.38
C ARG M 72 -53.75 7.67 -42.35
N PHE M 73 -55.06 7.64 -42.49
CA PHE M 73 -55.82 6.40 -42.52
C PHE M 73 -56.43 6.36 -43.91
N GLY M 74 -56.30 5.21 -44.58
CA GLY M 74 -56.83 5.10 -45.92
C GLY M 74 -56.20 6.19 -46.76
N GLY M 75 -54.96 6.54 -46.45
CA GLY M 75 -54.28 7.58 -47.20
C GLY M 75 -54.65 9.01 -46.77
N ILE M 76 -55.62 9.18 -45.88
CA ILE M 76 -56.00 10.53 -45.48
C ILE M 76 -55.50 10.91 -44.10
N PRO M 77 -54.83 12.06 -43.99
CA PRO M 77 -54.28 12.59 -42.74
C PRO M 77 -55.32 13.00 -41.70
N ARG M 78 -55.51 12.17 -40.69
CA ARG M 78 -56.45 12.53 -39.63
C ARG M 78 -55.69 12.87 -38.33
N GLN M 79 -56.41 13.05 -37.24
CA GLN M 79 -55.76 13.36 -35.98
C GLN M 79 -56.25 12.43 -34.88
N VAL M 80 -55.32 11.68 -34.31
CA VAL M 80 -55.66 10.73 -33.27
C VAL M 80 -55.39 11.32 -31.88
N SER M 81 -56.12 10.83 -30.90
CA SER M 81 -55.96 11.27 -29.53
C SER M 81 -56.53 10.17 -28.65
N VAL M 82 -55.67 9.57 -27.82
CA VAL M 82 -56.10 8.47 -26.98
C VAL M 82 -55.98 8.69 -25.48
N PRO M 83 -57.12 8.74 -24.78
CA PRO M 83 -57.08 8.94 -23.33
C PRO M 83 -56.15 7.89 -22.76
N LEU M 84 -55.05 8.32 -22.16
CA LEU M 84 -54.09 7.38 -21.61
C LEU M 84 -54.77 6.19 -20.92
N ALA M 85 -55.94 6.41 -20.33
CA ALA M 85 -56.65 5.34 -19.63
C ALA M 85 -57.12 4.21 -20.51
N ALA M 86 -57.18 4.45 -21.82
CA ALA M 86 -57.65 3.42 -22.77
C ALA M 86 -56.56 2.79 -23.62
N VAL M 87 -55.33 2.76 -23.11
CA VAL M 87 -54.23 2.15 -23.85
C VAL M 87 -53.96 0.73 -23.35
N LEU M 88 -54.45 -0.25 -24.10
CA LEU M 88 -54.31 -1.65 -23.73
C LEU M 88 -52.89 -2.21 -23.63
N ALA M 89 -51.98 -1.75 -24.50
CA ALA M 89 -50.61 -2.27 -24.49
C ALA M 89 -49.78 -1.75 -25.64
N ILE M 90 -48.46 -1.82 -25.47
CA ILE M 90 -47.52 -1.38 -26.47
C ILE M 90 -46.73 -2.62 -26.82
N TYR M 91 -46.38 -2.81 -28.10
CA TYR M 91 -45.62 -3.97 -28.52
C TYR M 91 -44.93 -3.81 -29.89
N ALA M 92 -43.95 -4.68 -30.15
CA ALA M 92 -43.17 -4.68 -31.40
C ALA M 92 -43.85 -5.53 -32.45
N ARG M 93 -44.10 -4.94 -33.61
CA ARG M 93 -44.77 -5.65 -34.70
C ARG M 93 -44.02 -6.89 -35.16
N GLU M 94 -42.73 -6.75 -35.44
CA GLU M 94 -41.98 -7.90 -35.89
C GLU M 94 -41.79 -9.01 -34.87
N ASN M 95 -42.04 -8.80 -33.59
CA ASN M 95 -41.89 -9.92 -32.67
C ASN M 95 -42.67 -9.90 -31.36
N GLY M 96 -43.64 -9.01 -31.22
CA GLY M 96 -44.43 -8.98 -29.99
C GLY M 96 -43.79 -8.48 -28.71
N ALA M 97 -42.53 -8.06 -28.75
CA ALA M 97 -41.88 -7.56 -27.54
C ALA M 97 -42.59 -6.29 -27.07
N GLY M 98 -42.94 -6.28 -25.78
CA GLY M 98 -43.62 -5.12 -25.22
C GLY M 98 -44.26 -5.46 -23.89
N THR M 99 -45.49 -5.00 -23.69
CA THR M 99 -46.16 -5.28 -22.43
C THR M 99 -47.65 -4.99 -22.48
N MET M 100 -48.38 -5.76 -21.67
CA MET M 100 -49.83 -5.66 -21.53
C MET M 100 -50.06 -4.79 -20.31
N PHE M 101 -50.08 -3.47 -20.49
CA PHE M 101 -50.27 -2.55 -19.38
C PHE M 101 -51.32 -3.09 -18.40
N GLU M 102 -51.10 -2.84 -17.12
CA GLU M 102 -52.00 -3.32 -16.08
C GLU M 102 -52.88 -2.22 -15.48
N PRO M 103 -53.90 -2.62 -14.71
CA PRO M 103 -54.85 -1.73 -14.06
C PRO M 103 -54.24 -0.71 -13.12
N GLU M 104 -54.79 0.49 -13.17
CA GLU M 104 -54.33 1.59 -12.35
C GLU M 104 -55.54 2.12 -11.59
N ALA M 105 -55.34 2.45 -10.31
CA ALA M 105 -56.42 2.96 -9.48
C ALA M 105 -57.07 4.17 -10.13
N ALA M 106 -56.23 5.13 -10.54
CA ALA M 106 -56.72 6.35 -11.17
C ALA M 106 -57.59 6.07 -12.40
N TYR M 107 -57.22 5.05 -13.16
CA TYR M 107 -57.97 4.70 -14.35
C TYR M 107 -59.20 3.85 -13.98
N ASP M 108 -59.25 3.44 -12.71
CA ASP M 108 -60.33 2.59 -12.18
C ASP M 108 -60.07 1.11 -12.50
N ALA N 1 -51.48 -2.30 -39.12
CA ALA N 1 -52.22 -1.44 -38.15
C ALA N 1 -53.33 -0.67 -38.87
N ALA N 2 -54.14 0.03 -38.08
CA ALA N 2 -55.25 0.80 -38.62
C ALA N 2 -54.75 1.93 -39.49
N ASN N 3 -53.66 2.59 -39.09
CA ASN N 3 -53.12 3.70 -39.86
C ASN N 3 -52.08 3.23 -40.87
N ASP N 4 -51.74 4.08 -41.84
CA ASP N 4 -50.77 3.71 -42.88
C ASP N 4 -49.33 3.73 -42.36
N GLU N 5 -48.43 3.08 -43.09
CA GLU N 5 -47.03 2.99 -42.71
C GLU N 5 -46.23 4.28 -42.80
N ASN N 6 -46.62 5.20 -43.67
CA ASN N 6 -45.91 6.45 -43.83
C ASN N 6 -46.83 7.66 -43.78
N TYR N 7 -46.46 8.64 -42.96
CA TYR N 7 -47.21 9.87 -42.82
C TYR N 7 -46.45 10.88 -43.69
N ALA N 8 -45.83 10.37 -44.76
CA ALA N 8 -45.07 11.21 -45.69
C ALA N 8 -46.01 12.10 -46.53
N SER O 1 -32.98 -13.75 -25.54
CA SER O 1 -33.21 -12.89 -26.74
C SER O 1 -32.03 -11.95 -26.99
N GLN O 2 -31.81 -11.63 -28.26
CA GLN O 2 -30.72 -10.76 -28.68
C GLN O 2 -31.01 -9.26 -28.51
N LEU O 3 -32.03 -8.94 -27.73
CA LEU O 3 -32.41 -7.53 -27.51
C LEU O 3 -31.69 -6.92 -26.32
N THR O 4 -31.38 -5.63 -26.41
CA THR O 4 -30.67 -4.93 -25.34
C THR O 4 -31.47 -4.99 -24.05
N PRO O 5 -30.80 -4.85 -22.90
CA PRO O 5 -31.51 -4.90 -21.61
C PRO O 5 -32.63 -3.89 -21.53
N ARG O 6 -33.54 -4.13 -20.60
CA ARG O 6 -34.67 -3.25 -20.41
C ARG O 6 -34.52 -2.42 -19.14
N ARG O 7 -33.81 -2.98 -18.17
CA ARG O 7 -33.60 -2.36 -16.86
C ARG O 7 -33.34 -0.86 -16.84
N PRO O 8 -32.38 -0.39 -17.64
CA PRO O 8 -32.11 1.05 -17.65
C PRO O 8 -33.27 1.95 -18.12
N TYR O 9 -34.07 1.49 -19.08
CA TYR O 9 -35.19 2.32 -19.55
C TYR O 9 -36.19 2.50 -18.43
N LEU O 10 -36.32 1.45 -17.63
CA LEU O 10 -37.22 1.47 -16.49
C LEU O 10 -36.61 2.28 -15.37
N LEU O 11 -35.27 2.30 -15.28
CA LEU O 11 -34.61 3.07 -14.23
C LEU O 11 -34.98 4.52 -14.43
N ARG O 12 -35.02 4.94 -15.69
CA ARG O 12 -35.41 6.31 -16.03
C ARG O 12 -36.93 6.48 -15.86
N ALA O 13 -37.70 5.46 -16.21
CA ALA O 13 -39.14 5.60 -16.03
C ALA O 13 -39.43 5.91 -14.54
N PHE O 14 -39.05 5.00 -13.65
CA PHE O 14 -39.28 5.19 -12.22
C PHE O 14 -38.60 6.43 -11.63
N TYR O 15 -37.46 6.81 -12.18
CA TYR O 15 -36.79 8.00 -11.66
C TYR O 15 -37.68 9.22 -11.84
N GLU O 16 -38.18 9.38 -13.06
CA GLU O 16 -39.03 10.52 -13.38
C GLU O 16 -40.37 10.48 -12.69
N TRP O 17 -40.95 9.30 -12.59
CA TRP O 17 -42.22 9.12 -11.94
C TRP O 17 -42.13 9.54 -10.47
N LEU O 18 -41.13 9.01 -9.77
CA LEU O 18 -40.90 9.31 -8.36
C LEU O 18 -40.72 10.81 -8.14
N LEU O 19 -40.19 11.50 -9.13
CA LEU O 19 -40.01 12.94 -9.01
C LEU O 19 -41.30 13.69 -9.32
N ASP O 20 -42.18 13.07 -10.09
CA ASP O 20 -43.46 13.70 -10.41
C ASP O 20 -44.43 13.56 -9.24
N ASN O 21 -44.05 12.71 -8.29
CA ASN O 21 -44.85 12.47 -7.09
C ASN O 21 -44.07 12.99 -5.87
N GLN O 22 -43.13 13.89 -6.10
CA GLN O 22 -42.33 14.50 -5.04
C GLN O 22 -41.77 13.52 -4.03
N LEU O 23 -40.93 12.61 -4.53
CA LEU O 23 -40.30 11.62 -3.70
C LEU O 23 -38.82 11.63 -4.05
N THR O 24 -37.95 11.33 -3.10
CA THR O 24 -36.53 11.30 -3.42
C THR O 24 -36.15 9.86 -3.71
N PRO O 25 -35.58 9.61 -4.89
CA PRO O 25 -35.16 8.28 -5.34
C PRO O 25 -33.83 7.80 -4.76
N HIS O 26 -33.81 6.52 -4.36
CA HIS O 26 -32.62 5.91 -3.79
C HIS O 26 -32.29 4.64 -4.55
N LEU O 27 -31.02 4.49 -4.90
CA LEU O 27 -30.56 3.31 -5.63
C LEU O 27 -29.87 2.31 -4.71
N VAL O 28 -30.18 1.04 -4.88
CA VAL O 28 -29.51 0.02 -4.09
C VAL O 28 -28.53 -0.66 -5.05
N VAL O 29 -27.25 -0.50 -4.78
CA VAL O 29 -26.21 -1.06 -5.63
C VAL O 29 -25.50 -2.22 -4.95
N ASP O 30 -24.96 -3.11 -5.76
CA ASP O 30 -24.21 -4.25 -5.24
C ASP O 30 -22.71 -4.02 -5.38
N VAL O 31 -22.13 -3.38 -4.37
CA VAL O 31 -20.72 -3.05 -4.40
C VAL O 31 -19.78 -4.23 -4.66
N THR O 32 -20.27 -5.43 -4.45
CA THR O 32 -19.48 -6.64 -4.65
C THR O 32 -19.33 -7.01 -6.11
N LEU O 33 -19.40 -6.05 -7.03
CA LEU O 33 -19.28 -6.41 -8.44
C LEU O 33 -18.21 -5.62 -9.13
N PRO O 34 -17.81 -6.09 -10.30
CA PRO O 34 -16.78 -5.40 -11.06
C PRO O 34 -17.30 -4.09 -11.63
N GLY O 35 -16.45 -3.08 -11.64
CA GLY O 35 -16.83 -1.79 -12.18
C GLY O 35 -17.54 -0.84 -11.25
N VAL O 36 -17.85 -1.29 -10.04
CA VAL O 36 -18.54 -0.43 -9.10
C VAL O 36 -17.53 0.54 -8.48
N GLN O 37 -17.85 1.83 -8.48
CA GLN O 37 -16.95 2.79 -7.90
C GLN O 37 -17.60 3.68 -6.85
N VAL O 38 -17.59 3.21 -5.61
CA VAL O 38 -18.17 3.92 -4.50
C VAL O 38 -17.23 3.92 -3.28
N PRO O 39 -17.47 4.83 -2.33
CA PRO O 39 -16.60 4.86 -1.16
C PRO O 39 -16.96 3.62 -0.35
N MET O 40 -16.28 2.50 -0.61
CA MET O 40 -16.54 1.22 0.07
C MET O 40 -16.73 1.27 1.59
N GLU O 41 -16.00 2.17 2.24
CA GLU O 41 -16.10 2.31 3.67
C GLU O 41 -17.58 2.40 4.03
N TYR O 42 -18.33 3.07 3.17
CA TYR O 42 -19.77 3.30 3.32
C TYR O 42 -20.67 2.12 3.05
N ALA O 43 -20.18 1.15 2.29
CA ALA O 43 -20.94 -0.05 1.96
C ALA O 43 -21.09 -0.95 3.20
N ARG O 44 -22.20 -1.67 3.27
CA ARG O 44 -22.47 -2.58 4.37
C ARG O 44 -23.07 -3.85 3.80
N ASP O 45 -22.50 -4.99 4.19
CA ASP O 45 -22.98 -6.29 3.72
C ASP O 45 -23.03 -6.34 2.20
N GLY O 46 -21.89 -6.06 1.58
CA GLY O 46 -21.81 -6.09 0.13
C GLY O 46 -22.94 -5.34 -0.52
N GLN O 47 -23.17 -4.11 -0.07
CA GLN O 47 -24.23 -3.31 -0.64
C GLN O 47 -24.22 -1.86 -0.16
N ILE O 48 -24.47 -0.94 -1.08
CA ILE O 48 -24.51 0.48 -0.72
C ILE O 48 -25.81 1.12 -1.25
N VAL O 49 -26.34 2.08 -0.51
CA VAL O 49 -27.57 2.79 -0.92
C VAL O 49 -27.25 4.24 -1.27
N LEU O 50 -27.80 4.74 -2.36
CA LEU O 50 -27.51 6.10 -2.77
C LEU O 50 -28.72 6.97 -3.05
N ASN O 51 -28.53 8.25 -2.82
CA ASN O 51 -29.55 9.24 -3.05
C ASN O 51 -29.18 9.95 -4.35
N ILE O 52 -29.98 9.76 -5.41
CA ILE O 52 -29.69 10.41 -6.67
C ILE O 52 -30.68 11.54 -6.97
N ALA O 53 -31.38 11.99 -5.93
CA ALA O 53 -32.32 13.08 -6.09
C ALA O 53 -31.56 14.24 -6.76
N PRO O 54 -32.29 15.18 -7.37
CA PRO O 54 -31.62 16.30 -8.04
C PRO O 54 -30.78 17.24 -7.16
N ARG O 55 -31.26 17.50 -5.95
CA ARG O 55 -30.58 18.39 -5.02
C ARG O 55 -29.34 17.81 -4.34
N ALA O 56 -29.14 16.50 -4.47
CA ALA O 56 -28.03 15.81 -3.81
C ALA O 56 -26.91 15.34 -4.72
N VAL O 57 -27.21 15.21 -6.00
CA VAL O 57 -26.24 14.73 -6.94
C VAL O 57 -25.77 15.81 -7.91
N GLY O 58 -24.55 15.66 -8.42
CA GLY O 58 -24.02 16.62 -9.38
C GLY O 58 -23.78 15.95 -10.72
N ASN O 59 -24.45 16.43 -11.77
CA ASN O 59 -24.28 15.88 -13.11
C ASN O 59 -24.55 14.39 -13.20
N LEU O 60 -25.70 13.98 -12.67
CA LEU O 60 -26.10 12.58 -12.70
C LEU O 60 -26.44 12.15 -14.11
N GLU O 61 -25.93 10.99 -14.52
CA GLU O 61 -26.17 10.49 -15.86
C GLU O 61 -26.79 9.10 -15.80
N LEU O 62 -28.01 8.98 -16.31
CA LEU O 62 -28.66 7.69 -16.30
C LEU O 62 -28.61 7.05 -17.69
N ALA O 63 -27.40 6.66 -18.09
CA ALA O 63 -27.21 6.03 -19.40
C ALA O 63 -27.64 4.56 -19.34
N ASN O 64 -27.33 3.79 -20.36
CA ASN O 64 -27.71 2.39 -20.36
C ASN O 64 -26.52 1.52 -19.98
N ASP O 65 -25.32 2.06 -20.17
CA ASP O 65 -24.11 1.31 -19.82
C ASP O 65 -23.86 1.38 -18.33
N GLU O 66 -23.98 2.57 -17.75
CA GLU O 66 -23.77 2.72 -16.32
C GLU O 66 -24.32 4.04 -15.80
N VAL O 67 -24.57 4.08 -14.50
CA VAL O 67 -25.08 5.26 -13.81
C VAL O 67 -23.89 6.03 -13.24
N ARG O 68 -23.76 7.32 -13.56
CA ARG O 68 -22.64 8.08 -13.06
C ARG O 68 -23.05 9.43 -12.51
N PHE O 69 -22.29 9.93 -11.53
CA PHE O 69 -22.60 11.21 -10.90
C PHE O 69 -21.66 11.59 -9.75
N ASN O 70 -21.69 12.86 -9.38
CA ASN O 70 -20.87 13.35 -8.26
C ASN O 70 -21.78 13.46 -7.05
N ALA O 71 -21.26 13.07 -5.89
CA ALA O 71 -22.03 13.13 -4.66
C ALA O 71 -21.07 13.52 -3.54
N ARG O 72 -21.62 13.89 -2.40
CA ARG O 72 -20.77 14.26 -1.29
C ARG O 72 -20.86 13.22 -0.19
N PHE O 73 -19.71 12.70 0.21
CA PHE O 73 -19.65 11.70 1.27
C PHE O 73 -18.98 12.32 2.45
N GLY O 74 -19.70 12.47 3.55
CA GLY O 74 -19.13 13.08 4.72
C GLY O 74 -18.57 14.45 4.33
N GLY O 75 -19.28 15.13 3.44
CA GLY O 75 -18.87 16.45 2.98
C GLY O 75 -17.91 16.42 1.78
N ILE O 76 -17.11 15.38 1.68
CA ILE O 76 -16.15 15.28 0.59
C ILE O 76 -16.76 14.95 -0.76
N PRO O 77 -16.51 15.80 -1.77
CA PRO O 77 -17.03 15.65 -3.13
C PRO O 77 -16.28 14.51 -3.81
N ARG O 78 -17.04 13.53 -4.28
CA ARG O 78 -16.44 12.36 -4.92
C ARG O 78 -17.38 11.83 -5.98
N GLN O 79 -16.86 11.52 -7.16
CA GLN O 79 -17.75 11.00 -8.19
C GLN O 79 -17.94 9.49 -8.16
N VAL O 80 -19.17 9.09 -8.49
CA VAL O 80 -19.57 7.69 -8.53
C VAL O 80 -19.82 7.16 -9.93
N SER O 81 -19.60 5.87 -10.09
CA SER O 81 -19.79 5.16 -11.35
C SER O 81 -20.36 3.80 -10.98
N VAL O 82 -21.50 3.46 -11.57
CA VAL O 82 -22.16 2.20 -11.27
C VAL O 82 -22.59 1.40 -12.47
N PRO O 83 -21.88 0.33 -12.78
CA PRO O 83 -22.33 -0.40 -13.96
C PRO O 83 -23.78 -0.84 -13.77
N LEU O 84 -24.62 -0.57 -14.76
CA LEU O 84 -26.05 -0.94 -14.71
C LEU O 84 -26.33 -2.34 -14.16
N ALA O 85 -25.35 -3.24 -14.17
CA ALA O 85 -25.54 -4.60 -13.64
C ALA O 85 -25.63 -4.59 -12.12
N ALA O 86 -25.11 -3.54 -11.50
CA ALA O 86 -25.14 -3.41 -10.04
C ALA O 86 -26.45 -2.86 -9.53
N VAL O 87 -27.15 -2.03 -10.33
CA VAL O 87 -28.42 -1.46 -9.89
C VAL O 87 -29.41 -2.56 -9.57
N LEU O 88 -29.72 -2.70 -8.27
CA LEU O 88 -30.62 -3.75 -7.76
C LEU O 88 -32.07 -3.27 -7.64
N ALA O 89 -32.22 -2.02 -7.25
CA ALA O 89 -33.56 -1.48 -7.12
C ALA O 89 -33.52 0.03 -7.11
N ILE O 90 -34.69 0.61 -7.30
CA ILE O 90 -34.87 2.05 -7.28
C ILE O 90 -36.12 2.23 -6.43
N TYR O 91 -36.12 3.22 -5.55
CA TYR O 91 -37.28 3.44 -4.69
C TYR O 91 -37.32 4.83 -4.07
N ALA O 92 -38.39 5.11 -3.35
CA ALA O 92 -38.59 6.40 -2.70
C ALA O 92 -38.35 6.24 -1.22
N ARG O 93 -37.51 7.10 -0.65
CA ARG O 93 -37.23 7.01 0.78
C ARG O 93 -38.49 7.26 1.59
N GLU O 94 -39.26 8.23 1.16
CA GLU O 94 -40.49 8.60 1.84
C GLU O 94 -41.50 7.49 2.09
N ASN O 95 -41.81 6.71 1.06
CA ASN O 95 -42.79 5.64 1.23
C ASN O 95 -42.35 4.33 0.62
N GLY O 96 -41.10 4.24 0.18
CA GLY O 96 -40.64 2.99 -0.42
C GLY O 96 -41.26 2.55 -1.74
N ALA O 97 -42.01 3.43 -2.40
CA ALA O 97 -42.61 3.10 -3.69
C ALA O 97 -41.48 3.02 -4.71
N GLY O 98 -41.48 1.97 -5.52
CA GLY O 98 -40.42 1.82 -6.49
C GLY O 98 -40.44 0.46 -7.15
N THR O 99 -39.28 -0.15 -7.35
CA THR O 99 -39.20 -1.46 -8.00
C THR O 99 -37.81 -2.07 -7.94
N MET O 100 -37.73 -3.38 -7.72
CA MET O 100 -36.43 -4.03 -7.70
C MET O 100 -36.27 -4.44 -9.13
N PHE O 101 -35.05 -4.42 -9.64
CA PHE O 101 -34.90 -4.78 -11.03
C PHE O 101 -34.76 -6.27 -11.28
N GLU O 102 -35.52 -6.73 -12.26
CA GLU O 102 -35.54 -8.11 -12.68
C GLU O 102 -34.17 -8.50 -13.23
N PRO O 103 -33.84 -9.80 -13.20
CA PRO O 103 -32.55 -10.31 -13.72
C PRO O 103 -32.59 -10.29 -15.24
N GLU O 104 -31.42 -10.16 -15.87
CA GLU O 104 -31.36 -10.15 -17.33
C GLU O 104 -30.10 -10.79 -17.89
N ALA O 105 -30.29 -11.51 -18.99
CA ALA O 105 -29.23 -12.25 -19.68
C ALA O 105 -27.96 -11.45 -19.98
N ALA O 106 -28.12 -10.21 -20.44
CA ALA O 106 -26.97 -9.39 -20.77
C ALA O 106 -26.13 -9.19 -19.53
N TYR O 107 -26.80 -9.03 -18.39
CA TYR O 107 -26.12 -8.81 -17.12
C TYR O 107 -25.64 -10.12 -16.50
N ASP O 108 -26.04 -11.23 -17.12
CA ASP O 108 -25.69 -12.57 -16.65
C ASP O 108 -26.85 -13.05 -15.77
N ALA P 1 -29.01 7.74 3.19
CA ALA P 1 -28.11 7.11 2.18
C ALA P 1 -26.63 7.38 2.53
N ALA P 2 -25.72 6.80 1.75
CA ALA P 2 -24.30 6.97 1.99
C ALA P 2 -23.84 8.40 1.72
N ASN P 3 -24.42 9.04 0.71
CA ASN P 3 -24.06 10.42 0.37
C ASN P 3 -24.98 11.42 1.06
N ASP P 4 -24.55 12.67 1.16
CA ASP P 4 -25.33 13.72 1.83
C ASP P 4 -26.53 14.17 1.00
N GLU P 5 -27.48 14.82 1.67
CA GLU P 5 -28.72 15.28 1.05
C GLU P 5 -28.58 16.39 0.06
N ASN P 6 -27.55 17.21 0.22
CA ASN P 6 -27.33 18.34 -0.69
C ASN P 6 -25.91 18.44 -1.25
N TYR P 7 -25.81 18.48 -2.57
CA TYR P 7 -24.52 18.62 -3.24
C TYR P 7 -24.33 20.12 -3.45
N ALA P 8 -24.94 20.92 -2.56
CA ALA P 8 -24.88 22.37 -2.65
C ALA P 8 -23.51 22.96 -2.34
#